data_5DLC
#
_entry.id   5DLC
#
_cell.length_a   150.460
_cell.length_b   150.460
_cell.length_c   86.570
_cell.angle_alpha   90.00
_cell.angle_beta   90.00
_cell.angle_gamma   120.00
#
_symmetry.space_group_name_H-M   'P 32 2 1'
#
loop_
_entity.id
_entity.type
_entity.pdbx_description
1 polymer "Pyridoxine 5'-phosphate synthase"
2 non-polymer 'PHOSPHATE ION'
3 water water
#
_entity_poly.entity_id   1
_entity_poly.type   'polypeptide(L)'
_entity_poly.pdbx_seq_one_letter_code
;MAHHHHHHMTEATRILLGVNIDHVATLRQARGTRYPDPVKAALDAEEAGADGITVHLREDRRHIQERDVRVLKEVLQTRM
NFEMGVTEEMLAFAEEIRPAHSCLVPERREELTTEGGLDVAGQEQRIRDAVRRLAAVGSEVSLFIDPDPRQIEASARVGA
PAIELHTGRYADAEDPEEQARELQRVREGVALGRSLGLIVNAGHGLHYHNVEPVAAIDGINELNIGHAIVAHALFVGFRQ
AVAEMKALMLAAATKR
;
_entity_poly.pdbx_strand_id   A,B,C,D
#
# COMPACT_ATOMS: atom_id res chain seq x y z
N THR A 13 -26.39 -19.70 1.83
CA THR A 13 -25.08 -19.16 1.47
C THR A 13 -24.31 -18.72 2.72
N ARG A 14 -23.26 -17.94 2.50
CA ARG A 14 -22.36 -17.52 3.58
C ARG A 14 -23.00 -16.51 4.53
N ILE A 15 -22.31 -16.26 5.64
CA ILE A 15 -22.75 -15.27 6.62
C ILE A 15 -22.67 -13.88 5.97
N LEU A 16 -23.56 -12.98 6.40
CA LEU A 16 -23.64 -11.66 5.80
C LEU A 16 -23.25 -10.57 6.80
N LEU A 17 -22.66 -9.49 6.28
CA LEU A 17 -22.28 -8.35 7.11
C LEU A 17 -23.09 -7.10 6.76
N GLY A 18 -23.82 -6.59 7.74
CA GLY A 18 -24.45 -5.29 7.61
C GLY A 18 -23.67 -4.27 8.42
N VAL A 19 -23.27 -3.18 7.77
CA VAL A 19 -22.48 -2.16 8.44
C VAL A 19 -23.36 -0.99 8.86
N ASN A 20 -23.40 -0.74 10.16
CA ASN A 20 -24.15 0.38 10.71
C ASN A 20 -23.25 1.62 10.76
N ILE A 21 -23.73 2.73 10.21
CA ILE A 21 -22.92 3.94 10.07
C ILE A 21 -23.35 5.06 11.01
N ASP A 22 -24.15 4.75 12.03
CA ASP A 22 -24.69 5.76 12.95
C ASP A 22 -23.60 6.62 13.58
N HIS A 23 -22.53 5.99 14.02
CA HIS A 23 -21.53 6.68 14.84
C HIS A 23 -20.54 7.45 13.99
N VAL A 24 -20.66 7.36 12.68
CA VAL A 24 -19.99 8.29 11.79
C VAL A 24 -20.68 9.64 11.99
N ALA A 25 -22.00 9.60 12.09
CA ALA A 25 -22.79 10.81 12.32
C ALA A 25 -22.60 11.35 13.74
N THR A 26 -22.32 10.45 14.68
CA THR A 26 -21.99 10.86 16.05
C THR A 26 -20.83 11.85 16.02
N LEU A 27 -19.81 11.51 15.24
CA LEU A 27 -18.65 12.37 15.09
C LEU A 27 -19.01 13.70 14.41
N ARG A 28 -19.89 13.62 13.41
CA ARG A 28 -20.31 14.80 12.66
C ARG A 28 -21.08 15.79 13.54
N GLN A 29 -22.00 15.25 14.35
CA GLN A 29 -22.86 16.08 15.18
C GLN A 29 -22.10 16.77 16.30
N ALA A 30 -20.90 16.28 16.60
CA ALA A 30 -20.07 16.83 17.67
C ALA A 30 -19.68 18.29 17.42
N ARG A 31 -19.52 18.65 16.15
CA ARG A 31 -19.10 20.00 15.78
C ARG A 31 -20.13 20.69 14.89
N GLY A 32 -21.16 19.95 14.51
CA GLY A 32 -22.23 20.49 13.69
C GLY A 32 -21.78 20.84 12.29
N THR A 33 -20.81 20.09 11.78
CA THR A 33 -20.32 20.29 10.42
C THR A 33 -21.04 19.38 9.45
N ARG A 34 -20.50 19.29 8.24
CA ARG A 34 -21.09 18.49 7.19
C ARG A 34 -20.23 17.23 6.99
N TYR A 35 -19.11 17.18 7.71
CA TYR A 35 -18.21 16.04 7.71
C TYR A 35 -18.04 15.55 9.15
N PRO A 36 -17.77 14.25 9.33
CA PRO A 36 -17.69 13.23 8.28
C PRO A 36 -19.09 12.82 7.82
N ASP A 37 -19.23 12.55 6.52
CA ASP A 37 -20.53 12.21 5.96
C ASP A 37 -20.75 10.70 6.09
N PRO A 38 -21.79 10.31 6.84
CA PRO A 38 -22.17 8.90 6.99
C PRO A 38 -22.52 8.26 5.63
N VAL A 39 -22.93 9.08 4.68
CA VAL A 39 -23.23 8.63 3.33
C VAL A 39 -21.97 8.10 2.65
N LYS A 40 -20.88 8.86 2.77
CA LYS A 40 -19.58 8.50 2.19
C LYS A 40 -19.06 7.21 2.82
N ALA A 41 -19.21 7.10 4.14
CA ALA A 41 -18.81 5.90 4.86
C ALA A 41 -19.60 4.69 4.38
N ALA A 42 -20.90 4.88 4.17
CA ALA A 42 -21.77 3.83 3.65
C ALA A 42 -21.30 3.35 2.28
N LEU A 43 -20.94 4.30 1.41
CA LEU A 43 -20.50 3.96 0.06
C LEU A 43 -19.13 3.29 0.08
N ASP A 44 -18.29 3.70 1.04
CA ASP A 44 -16.99 3.05 1.21
C ASP A 44 -17.17 1.61 1.69
N ALA A 45 -18.14 1.41 2.58
CA ALA A 45 -18.39 0.08 3.15
C ALA A 45 -18.86 -0.91 2.09
N GLU A 46 -19.76 -0.47 1.22
CA GLU A 46 -20.27 -1.33 0.15
C GLU A 46 -19.14 -1.71 -0.79
N GLU A 47 -18.33 -0.72 -1.14
CA GLU A 47 -17.17 -0.89 -2.00
C GLU A 47 -16.17 -1.86 -1.36
N ALA A 48 -16.15 -1.90 -0.04
CA ALA A 48 -15.23 -2.76 0.70
C ALA A 48 -15.84 -4.12 1.02
N GLY A 49 -17.05 -4.37 0.53
CA GLY A 49 -17.64 -5.69 0.64
C GLY A 49 -18.84 -5.86 1.55
N ALA A 50 -19.34 -4.78 2.12
CA ALA A 50 -20.53 -4.86 2.97
C ALA A 50 -21.72 -5.39 2.16
N ASP A 51 -22.55 -6.20 2.80
CA ASP A 51 -23.68 -6.83 2.13
C ASP A 51 -24.91 -5.93 2.24
N GLY A 52 -24.89 -5.04 3.22
CA GLY A 52 -25.95 -4.06 3.41
C GLY A 52 -25.51 -2.95 4.34
N ILE A 53 -26.25 -1.83 4.30
CA ILE A 53 -25.95 -0.71 5.17
C ILE A 53 -27.09 -0.49 6.14
N THR A 54 -26.77 -0.41 7.43
CA THR A 54 -27.77 -0.23 8.47
C THR A 54 -27.75 1.22 8.99
N VAL A 55 -28.93 1.80 9.14
CA VAL A 55 -29.03 3.17 9.61
C VAL A 55 -30.19 3.31 10.59
N HIS A 56 -29.92 3.90 11.75
CA HIS A 56 -30.93 4.08 12.80
C HIS A 56 -31.25 5.55 12.99
N LEU A 57 -32.43 5.96 12.52
CA LEU A 57 -32.91 7.32 12.77
C LEU A 57 -33.67 7.37 14.09
N ARG A 58 -33.06 7.99 15.09
CA ARG A 58 -33.66 8.07 16.42
C ARG A 58 -34.62 9.25 16.47
N GLU A 59 -35.58 9.18 17.39
CA GLU A 59 -36.53 10.27 17.58
C GLU A 59 -35.81 11.54 18.05
N ASP A 60 -34.83 11.37 18.93
CA ASP A 60 -34.07 12.51 19.45
C ASP A 60 -33.06 13.03 18.43
N ARG A 61 -32.94 12.35 17.29
CA ARG A 61 -32.03 12.71 16.22
C ARG A 61 -30.61 12.90 16.76
N ARG A 62 -30.18 11.95 17.58
CA ARG A 62 -28.90 12.04 18.27
C ARG A 62 -27.72 12.11 17.29
N HIS A 63 -27.75 11.24 16.29
CA HIS A 63 -26.70 11.23 15.27
C HIS A 63 -27.27 11.37 13.85
N ILE A 64 -27.85 10.29 13.33
CA ILE A 64 -28.41 10.27 11.99
C ILE A 64 -29.57 11.25 11.86
N GLN A 65 -29.61 11.95 10.72
CA GLN A 65 -30.70 12.88 10.43
C GLN A 65 -31.54 12.33 9.28
N GLU A 66 -32.67 12.98 9.00
CA GLU A 66 -33.54 12.56 7.90
C GLU A 66 -32.82 12.69 6.57
N ARG A 67 -31.98 13.72 6.48
CA ARG A 67 -31.11 13.97 5.33
C ARG A 67 -30.27 12.74 5.03
N ASP A 68 -29.73 12.11 6.07
CA ASP A 68 -28.87 10.94 5.89
C ASP A 68 -29.62 9.80 5.20
N VAL A 69 -30.80 9.47 5.70
CA VAL A 69 -31.60 8.36 5.20
C VAL A 69 -32.05 8.62 3.76
N ARG A 70 -32.47 9.85 3.49
CA ARG A 70 -32.97 10.22 2.17
C ARG A 70 -31.87 10.14 1.10
N VAL A 71 -30.67 10.60 1.45
CA VAL A 71 -29.55 10.54 0.52
C VAL A 71 -29.11 9.08 0.32
N LEU A 72 -29.07 8.31 1.40
CA LEU A 72 -28.71 6.90 1.34
C LEU A 72 -29.62 6.16 0.36
N LYS A 73 -30.91 6.47 0.41
CA LYS A 73 -31.88 5.86 -0.49
C LYS A 73 -31.50 6.06 -1.95
N GLU A 74 -30.93 7.22 -2.25
CA GLU A 74 -30.56 7.58 -3.62
C GLU A 74 -29.23 6.98 -4.08
N VAL A 75 -28.37 6.59 -3.15
CA VAL A 75 -26.99 6.24 -3.51
C VAL A 75 -26.58 4.80 -3.23
N LEU A 76 -27.31 4.11 -2.34
CA LEU A 76 -26.93 2.75 -1.94
C LEU A 76 -26.89 1.77 -3.12
N GLN A 77 -25.82 0.99 -3.19
CA GLN A 77 -25.64 0.00 -4.23
C GLN A 77 -26.14 -1.38 -3.79
N THR A 78 -26.35 -1.54 -2.48
CA THR A 78 -26.79 -2.83 -1.93
C THR A 78 -28.24 -2.75 -1.47
N ARG A 79 -28.43 -2.51 -0.18
CA ARG A 79 -29.77 -2.43 0.41
C ARG A 79 -29.72 -1.72 1.75
N MET A 80 -30.81 -1.06 2.10
CA MET A 80 -30.88 -0.34 3.37
C MET A 80 -31.54 -1.19 4.45
N ASN A 81 -30.96 -1.15 5.65
CA ASN A 81 -31.60 -1.72 6.82
C ASN A 81 -31.95 -0.57 7.75
N PHE A 82 -33.21 -0.14 7.71
CA PHE A 82 -33.64 1.04 8.44
C PHE A 82 -34.09 0.69 9.85
N GLU A 83 -33.25 1.02 10.83
CA GLU A 83 -33.59 0.79 12.24
C GLU A 83 -34.39 1.97 12.77
N MET A 84 -35.46 1.64 13.49
CA MET A 84 -36.40 2.65 13.96
C MET A 84 -37.13 2.21 15.22
N GLY A 85 -37.55 3.17 16.01
CA GLY A 85 -38.44 2.92 17.13
C GLY A 85 -39.87 2.95 16.62
N VAL A 86 -40.75 2.16 17.22
CA VAL A 86 -42.11 2.06 16.71
C VAL A 86 -42.91 3.30 17.11
N THR A 87 -42.96 4.26 16.19
CA THR A 87 -43.82 5.44 16.32
C THR A 87 -44.48 5.73 14.97
N GLU A 88 -45.51 6.55 14.98
CA GLU A 88 -46.20 6.92 13.75
C GLU A 88 -45.28 7.69 12.80
N GLU A 89 -44.47 8.58 13.36
CA GLU A 89 -43.54 9.38 12.59
C GLU A 89 -42.58 8.50 11.78
N MET A 90 -42.00 7.52 12.45
CA MET A 90 -41.01 6.65 11.83
C MET A 90 -41.63 5.68 10.82
N LEU A 91 -42.83 5.20 11.13
CA LEU A 91 -43.54 4.32 10.20
C LEU A 91 -43.90 5.04 8.90
N ALA A 92 -44.41 6.27 9.03
CA ALA A 92 -44.78 7.06 7.86
C ALA A 92 -43.54 7.38 7.02
N PHE A 93 -42.44 7.69 7.71
CA PHE A 93 -41.18 7.97 7.05
C PHE A 93 -40.67 6.75 6.29
N ALA A 94 -40.77 5.58 6.92
CA ALA A 94 -40.35 4.33 6.31
C ALA A 94 -41.21 3.97 5.10
N GLU A 95 -42.50 4.28 5.19
CA GLU A 95 -43.43 4.01 4.08
C GLU A 95 -43.06 4.86 2.88
N GLU A 96 -42.43 6.00 3.14
CA GLU A 96 -41.89 6.85 2.09
C GLU A 96 -40.55 6.33 1.57
N ILE A 97 -39.65 6.01 2.50
CA ILE A 97 -38.30 5.55 2.16
C ILE A 97 -38.33 4.21 1.43
N ARG A 98 -39.27 3.35 1.82
CA ARG A 98 -39.38 1.99 1.28
CA ARG A 98 -39.38 1.99 1.28
C ARG A 98 -38.05 1.24 1.38
N PRO A 99 -37.54 1.04 2.62
CA PRO A 99 -36.26 0.33 2.73
C PRO A 99 -36.44 -1.16 2.50
N ALA A 100 -35.42 -1.82 1.94
CA ALA A 100 -35.50 -3.25 1.68
C ALA A 100 -35.61 -4.00 3.00
N HIS A 101 -34.81 -3.57 3.98
CA HIS A 101 -34.88 -4.14 5.32
C HIS A 101 -35.20 -3.06 6.33
N SER A 102 -35.82 -3.46 7.44
CA SER A 102 -36.07 -2.55 8.55
C SER A 102 -35.98 -3.34 9.84
N CYS A 103 -35.65 -2.65 10.93
CA CYS A 103 -35.50 -3.29 12.23
C CYS A 103 -36.11 -2.44 13.34
N LEU A 104 -37.06 -3.02 14.07
CA LEU A 104 -37.74 -2.30 15.14
C LEU A 104 -36.97 -2.43 16.46
N VAL A 105 -36.55 -1.29 16.99
CA VAL A 105 -35.75 -1.26 18.21
C VAL A 105 -36.43 -0.43 19.29
N PRO A 106 -36.10 -0.68 20.56
CA PRO A 106 -36.62 0.15 21.65
C PRO A 106 -35.84 1.45 21.84
N GLU A 107 -36.55 2.54 22.07
CA GLU A 107 -35.95 3.84 22.34
C GLU A 107 -36.51 4.44 23.62
N ARG A 108 -37.74 4.08 23.94
CA ARG A 108 -38.45 4.60 25.11
C ARG A 108 -38.51 3.55 26.22
N ARG A 109 -38.75 4.02 27.44
CA ARG A 109 -38.73 3.17 28.63
C ARG A 109 -39.76 2.04 28.59
N GLU A 110 -40.91 2.32 27.99
CA GLU A 110 -42.03 1.37 27.98
C GLU A 110 -41.79 0.15 27.08
N GLU A 111 -41.02 0.34 26.01
CA GLU A 111 -40.77 -0.74 25.06
C GLU A 111 -39.45 -1.46 25.33
N LEU A 112 -38.72 -0.98 26.33
CA LEU A 112 -37.45 -1.59 26.75
C LEU A 112 -37.59 -2.69 27.77
N THR A 113 -36.87 -3.79 27.55
CA THR A 113 -36.69 -4.82 28.58
C THR A 113 -35.49 -4.41 29.42
N THR A 114 -35.22 -5.15 30.49
CA THR A 114 -34.09 -4.85 31.37
C THR A 114 -32.77 -5.04 30.62
N GLU A 115 -32.72 -6.07 29.78
CA GLU A 115 -31.51 -6.40 29.02
C GLU A 115 -31.28 -5.43 27.85
N GLY A 116 -32.36 -4.85 27.32
CA GLY A 116 -32.23 -3.87 26.27
C GLY A 116 -32.95 -4.17 24.96
N GLY A 117 -33.46 -5.39 24.81
CA GLY A 117 -34.20 -5.74 23.61
C GLY A 117 -35.61 -5.18 23.59
N LEU A 118 -36.27 -5.26 22.43
CA LEU A 118 -37.64 -4.80 22.29
C LEU A 118 -38.61 -5.76 22.97
N ASP A 119 -39.48 -5.22 23.81
CA ASP A 119 -40.48 -6.04 24.51
C ASP A 119 -41.65 -6.34 23.58
N VAL A 120 -41.45 -7.28 22.67
CA VAL A 120 -42.48 -7.64 21.70
C VAL A 120 -43.65 -8.29 22.42
N ALA A 121 -43.34 -9.15 23.39
CA ALA A 121 -44.34 -9.86 24.17
C ALA A 121 -45.27 -8.90 24.90
N GLY A 122 -44.73 -7.77 25.35
CA GLY A 122 -45.53 -6.78 26.05
C GLY A 122 -46.39 -5.89 25.16
N GLN A 123 -46.05 -5.83 23.87
CA GLN A 123 -46.75 -4.95 22.93
C GLN A 123 -47.07 -5.63 21.61
N GLU A 124 -47.61 -6.85 21.66
CA GLU A 124 -47.78 -7.68 20.47
C GLU A 124 -48.61 -7.02 19.36
N GLN A 125 -49.72 -6.41 19.73
CA GLN A 125 -50.60 -5.80 18.72
C GLN A 125 -49.93 -4.60 18.08
N ARG A 126 -49.25 -3.80 18.89
CA ARG A 126 -48.56 -2.60 18.43
C ARG A 126 -47.45 -2.96 17.45
N ILE A 127 -46.71 -4.01 17.75
CA ILE A 127 -45.63 -4.46 16.90
C ILE A 127 -46.19 -5.09 15.62
N ARG A 128 -47.28 -5.86 15.76
CA ARG A 128 -47.91 -6.52 14.62
C ARG A 128 -48.34 -5.51 13.55
N ASP A 129 -48.93 -4.40 13.99
CA ASP A 129 -49.37 -3.35 13.08
C ASP A 129 -48.17 -2.73 12.36
N ALA A 130 -47.10 -2.51 13.12
CA ALA A 130 -45.86 -1.96 12.57
C ALA A 130 -45.26 -2.88 11.52
N VAL A 131 -45.21 -4.18 11.84
CA VAL A 131 -44.70 -5.18 10.92
C VAL A 131 -45.52 -5.20 9.65
N ARG A 132 -46.84 -5.15 9.81
CA ARG A 132 -47.75 -5.20 8.67
C ARG A 132 -47.55 -4.00 7.75
N ARG A 133 -47.46 -2.80 8.34
CA ARG A 133 -47.28 -1.59 7.56
C ARG A 133 -45.97 -1.60 6.79
N LEU A 134 -44.91 -2.07 7.45
CA LEU A 134 -43.60 -2.11 6.82
C LEU A 134 -43.53 -3.17 5.73
N ALA A 135 -44.14 -4.33 5.98
CA ALA A 135 -44.18 -5.41 5.00
C ALA A 135 -44.98 -5.01 3.76
N ALA A 136 -46.05 -4.23 3.96
CA ALA A 136 -46.89 -3.77 2.86
C ALA A 136 -46.14 -2.82 1.94
N VAL A 137 -44.99 -2.35 2.43
CA VAL A 137 -44.15 -1.40 1.72
C VAL A 137 -43.01 -2.19 1.06
N GLY A 138 -42.94 -3.48 1.36
CA GLY A 138 -41.99 -4.37 0.73
C GLY A 138 -40.75 -4.63 1.56
N SER A 139 -40.78 -4.16 2.81
CA SER A 139 -39.63 -4.28 3.69
C SER A 139 -39.65 -5.59 4.46
N GLU A 140 -38.51 -6.27 4.49
CA GLU A 140 -38.34 -7.44 5.34
C GLU A 140 -38.01 -6.97 6.75
N VAL A 141 -38.93 -7.21 7.68
CA VAL A 141 -38.84 -6.64 9.03
C VAL A 141 -38.12 -7.55 10.02
N SER A 142 -37.22 -6.96 10.80
CA SER A 142 -36.54 -7.68 11.86
C SER A 142 -36.92 -7.06 13.20
N LEU A 143 -36.96 -7.88 14.25
CA LEU A 143 -37.23 -7.37 15.59
C LEU A 143 -36.01 -7.57 16.47
N PHE A 144 -35.53 -6.46 17.03
CA PHE A 144 -34.37 -6.48 17.92
C PHE A 144 -34.76 -6.92 19.33
N ILE A 145 -34.46 -8.17 19.67
CA ILE A 145 -34.90 -8.74 20.94
C ILE A 145 -33.75 -9.39 21.70
N ASP A 146 -33.96 -9.62 22.99
CA ASP A 146 -33.03 -10.38 23.81
C ASP A 146 -33.10 -11.84 23.38
N PRO A 147 -32.03 -12.61 23.63
CA PRO A 147 -32.10 -14.06 23.36
C PRO A 147 -32.98 -14.79 24.37
N ASP A 148 -34.23 -14.36 24.47
CA ASP A 148 -35.20 -14.89 25.42
C ASP A 148 -36.26 -15.67 24.66
N PRO A 149 -36.41 -16.97 24.96
CA PRO A 149 -37.38 -17.85 24.30
C PRO A 149 -38.78 -17.25 24.21
N ARG A 150 -39.16 -16.44 25.20
CA ARG A 150 -40.49 -15.86 25.23
C ARG A 150 -40.64 -14.72 24.23
N GLN A 151 -39.57 -13.95 24.03
CA GLN A 151 -39.57 -12.87 23.06
C GLN A 151 -39.46 -13.39 21.64
N ILE A 152 -38.70 -14.47 21.48
CA ILE A 152 -38.53 -15.09 20.16
C ILE A 152 -39.86 -15.64 19.65
N GLU A 153 -40.59 -16.29 20.55
CA GLU A 153 -41.86 -16.90 20.20
C GLU A 153 -42.92 -15.85 19.89
N ALA A 154 -42.88 -14.74 20.63
CA ALA A 154 -43.77 -13.62 20.38
C ALA A 154 -43.48 -13.00 19.01
N SER A 155 -42.19 -12.88 18.69
CA SER A 155 -41.75 -12.32 17.42
C SER A 155 -42.30 -13.13 16.24
N ALA A 156 -42.34 -14.44 16.41
CA ALA A 156 -42.89 -15.33 15.39
C ALA A 156 -44.39 -15.10 15.20
N ARG A 157 -45.11 -14.90 16.32
CA ARG A 157 -46.56 -14.67 16.26
C ARG A 157 -46.95 -13.40 15.53
N VAL A 158 -46.20 -12.32 15.75
CA VAL A 158 -46.58 -11.02 15.21
C VAL A 158 -46.25 -10.92 13.73
N GLY A 159 -45.64 -11.98 13.19
CA GLY A 159 -45.44 -12.11 11.77
C GLY A 159 -44.16 -11.51 11.22
N ALA A 160 -43.21 -11.20 12.08
CA ALA A 160 -41.92 -10.71 11.63
C ALA A 160 -41.12 -11.85 11.00
N PRO A 161 -40.54 -11.61 9.81
CA PRO A 161 -39.73 -12.63 9.15
C PRO A 161 -38.39 -12.88 9.84
N ALA A 162 -37.92 -11.90 10.59
CA ALA A 162 -36.57 -11.98 11.15
C ALA A 162 -36.47 -11.41 12.57
N ILE A 163 -35.44 -11.86 13.29
CA ILE A 163 -35.10 -11.29 14.58
C ILE A 163 -33.60 -11.02 14.61
N GLU A 164 -33.21 -10.01 15.36
CA GLU A 164 -31.79 -9.76 15.63
C GLU A 164 -31.55 -9.92 17.12
N LEU A 165 -30.72 -10.89 17.48
CA LEU A 165 -30.45 -11.18 18.89
C LEU A 165 -29.50 -10.17 19.52
N HIS A 166 -29.88 -9.71 20.71
CA HIS A 166 -29.09 -8.75 21.48
C HIS A 166 -27.83 -9.42 22.03
N THR A 167 -26.69 -9.14 21.40
CA THR A 167 -25.43 -9.75 21.82
C THR A 167 -24.67 -8.87 22.82
N GLY A 168 -25.37 -7.92 23.41
CA GLY A 168 -24.78 -7.01 24.38
C GLY A 168 -24.21 -7.63 25.63
N ARG A 169 -24.96 -8.55 26.23
CA ARG A 169 -24.54 -9.20 27.46
C ARG A 169 -23.37 -10.13 27.22
N TYR A 170 -23.31 -10.71 26.02
CA TYR A 170 -22.17 -11.51 25.61
C TYR A 170 -20.93 -10.62 25.51
N ALA A 171 -21.10 -9.45 24.92
CA ALA A 171 -20.00 -8.51 24.72
C ALA A 171 -19.55 -7.87 26.04
N ASP A 172 -20.48 -7.72 26.98
CA ASP A 172 -20.20 -7.06 28.25
C ASP A 172 -19.72 -8.01 29.34
N ALA A 173 -19.59 -9.29 29.00
CA ALA A 173 -19.22 -10.31 29.97
C ALA A 173 -17.83 -10.03 30.55
N GLU A 174 -17.71 -10.15 31.87
CA GLU A 174 -16.46 -9.82 32.54
C GLU A 174 -15.51 -11.02 32.64
N ASP A 175 -16.06 -12.16 33.04
CA ASP A 175 -15.29 -13.39 33.16
C ASP A 175 -15.64 -14.35 32.02
N PRO A 176 -14.66 -15.18 31.59
CA PRO A 176 -14.87 -16.15 30.52
C PRO A 176 -16.08 -17.07 30.74
N GLU A 177 -16.34 -17.43 31.99
CA GLU A 177 -17.47 -18.29 32.30
C GLU A 177 -18.80 -17.60 31.99
N GLU A 178 -18.90 -16.32 32.34
CA GLU A 178 -20.10 -15.53 32.06
C GLU A 178 -20.32 -15.41 30.56
N GLN A 179 -19.23 -15.22 29.82
CA GLN A 179 -19.30 -15.07 28.37
C GLN A 179 -19.75 -16.36 27.71
N ALA A 180 -19.30 -17.49 28.26
CA ALA A 180 -19.69 -18.79 27.75
C ALA A 180 -21.20 -19.00 27.92
N ARG A 181 -21.74 -18.57 29.06
CA ARG A 181 -23.17 -18.69 29.32
C ARG A 181 -23.97 -17.83 28.34
N GLU A 182 -23.53 -16.60 28.16
CA GLU A 182 -24.23 -15.65 27.30
C GLU A 182 -24.13 -16.05 25.82
N LEU A 183 -23.01 -16.63 25.44
CA LEU A 183 -22.85 -17.13 24.08
C LEU A 183 -23.79 -18.32 23.85
N GLN A 184 -23.99 -19.10 24.91
CA GLN A 184 -24.89 -20.24 24.86
C GLN A 184 -26.34 -19.80 24.73
N ARG A 185 -26.68 -18.68 25.36
CA ARG A 185 -28.02 -18.12 25.22
C ARG A 185 -28.29 -17.71 23.77
N VAL A 186 -27.30 -17.07 23.17
CA VAL A 186 -27.40 -16.63 21.78
C VAL A 186 -27.53 -17.87 20.89
N ARG A 187 -26.74 -18.89 21.18
CA ARG A 187 -26.75 -20.12 20.42
C ARG A 187 -28.12 -20.79 20.48
N GLU A 188 -28.71 -20.82 21.67
CA GLU A 188 -30.02 -21.41 21.86
C GLU A 188 -31.10 -20.56 21.20
N GLY A 189 -30.89 -19.25 21.20
CA GLY A 189 -31.78 -18.32 20.53
C GLY A 189 -31.88 -18.54 19.04
N VAL A 190 -30.73 -18.75 18.40
CA VAL A 190 -30.68 -18.99 16.96
C VAL A 190 -31.42 -20.27 16.60
N ALA A 191 -31.14 -21.34 17.34
CA ALA A 191 -31.76 -22.62 17.11
C ALA A 191 -33.29 -22.53 17.21
N LEU A 192 -33.77 -21.83 18.23
CA LEU A 192 -35.19 -21.66 18.46
C LEU A 192 -35.86 -20.85 17.35
N GLY A 193 -35.22 -19.74 16.97
CA GLY A 193 -35.76 -18.88 15.93
C GLY A 193 -35.93 -19.57 14.59
N ARG A 194 -34.91 -20.31 14.19
CA ARG A 194 -34.94 -21.00 12.90
C ARG A 194 -35.91 -22.19 12.92
N SER A 195 -36.18 -22.71 14.10
CA SER A 195 -37.18 -23.76 14.25
C SER A 195 -38.57 -23.18 14.03
N LEU A 196 -38.72 -21.89 14.31
CA LEU A 196 -39.97 -21.18 14.08
C LEU A 196 -40.00 -20.53 12.69
N GLY A 197 -38.98 -20.82 11.89
CA GLY A 197 -38.92 -20.32 10.53
C GLY A 197 -38.46 -18.88 10.43
N LEU A 198 -37.83 -18.37 11.50
CA LEU A 198 -37.35 -17.00 11.50
C LEU A 198 -35.94 -16.90 10.93
N ILE A 199 -35.64 -15.76 10.31
CA ILE A 199 -34.28 -15.42 9.94
C ILE A 199 -33.64 -14.81 11.19
N VAL A 200 -32.46 -15.28 11.56
CA VAL A 200 -31.85 -14.84 12.82
C VAL A 200 -30.57 -14.05 12.61
N ASN A 201 -30.57 -12.82 13.11
CA ASN A 201 -29.41 -11.94 13.05
C ASN A 201 -28.87 -11.64 14.45
N ALA A 202 -27.75 -10.92 14.49
CA ALA A 202 -27.17 -10.43 15.75
C ALA A 202 -26.24 -9.27 15.44
N GLY A 203 -25.46 -8.82 16.42
CA GLY A 203 -24.43 -7.85 16.15
C GLY A 203 -24.11 -6.77 17.17
N HIS A 204 -25.05 -6.46 18.05
CA HIS A 204 -24.84 -5.38 19.02
C HIS A 204 -23.67 -5.67 19.96
N GLY A 205 -22.76 -4.71 20.08
CA GLY A 205 -21.63 -4.82 20.97
C GLY A 205 -20.45 -5.64 20.47
N LEU A 206 -20.62 -6.27 19.31
CA LEU A 206 -19.56 -7.10 18.76
C LEU A 206 -18.38 -6.28 18.25
N HIS A 207 -17.18 -6.79 18.48
CA HIS A 207 -15.97 -6.14 17.99
C HIS A 207 -15.01 -7.18 17.40
N TYR A 208 -13.82 -6.75 17.04
CA TYR A 208 -12.86 -7.58 16.32
C TYR A 208 -12.24 -8.69 17.15
N HIS A 209 -12.53 -8.71 18.45
CA HIS A 209 -11.94 -9.72 19.32
C HIS A 209 -12.97 -10.63 19.99
N ASN A 210 -14.26 -10.42 19.70
CA ASN A 210 -15.29 -11.32 20.21
C ASN A 210 -16.30 -11.76 19.14
N VAL A 211 -16.11 -11.30 17.91
CA VAL A 211 -17.09 -11.57 16.85
C VAL A 211 -17.07 -13.04 16.40
N GLU A 212 -15.89 -13.65 16.37
CA GLU A 212 -15.73 -14.97 15.77
C GLU A 212 -16.58 -16.08 16.41
N PRO A 213 -16.65 -16.16 17.76
CA PRO A 213 -17.53 -17.20 18.30
C PRO A 213 -19.00 -17.04 17.94
N VAL A 214 -19.44 -15.80 17.71
CA VAL A 214 -20.83 -15.54 17.33
C VAL A 214 -21.05 -15.89 15.87
N ALA A 215 -20.08 -15.53 15.03
CA ALA A 215 -20.15 -15.81 13.60
C ALA A 215 -20.05 -17.31 13.34
N ALA A 216 -19.53 -18.05 14.31
CA ALA A 216 -19.35 -19.49 14.19
C ALA A 216 -20.66 -20.26 14.41
N ILE A 217 -21.66 -19.57 14.96
CA ILE A 217 -22.94 -20.22 15.25
C ILE A 217 -23.64 -20.61 13.96
N ASP A 218 -24.03 -21.88 13.86
CA ASP A 218 -24.73 -22.38 12.68
C ASP A 218 -26.11 -21.72 12.58
N GLY A 219 -26.41 -21.21 11.39
CA GLY A 219 -27.71 -20.62 11.13
C GLY A 219 -27.82 -19.12 11.27
N ILE A 220 -26.76 -18.48 11.76
CA ILE A 220 -26.70 -17.02 11.80
C ILE A 220 -26.73 -16.49 10.36
N ASN A 221 -27.65 -15.57 10.09
CA ASN A 221 -27.80 -15.03 8.75
C ASN A 221 -26.89 -13.82 8.52
N GLU A 222 -27.14 -12.76 9.28
CA GLU A 222 -26.38 -11.53 9.11
C GLU A 222 -25.99 -10.92 10.45
N LEU A 223 -24.76 -10.43 10.53
CA LEU A 223 -24.33 -9.66 11.69
C LEU A 223 -24.34 -8.18 11.35
N ASN A 224 -25.10 -7.40 12.12
CA ASN A 224 -25.11 -5.95 11.95
C ASN A 224 -24.19 -5.31 12.98
N ILE A 225 -23.04 -4.84 12.51
CA ILE A 225 -22.03 -4.26 13.41
C ILE A 225 -21.77 -2.82 13.01
N GLY A 226 -21.71 -1.94 13.99
CA GLY A 226 -21.52 -0.53 13.74
C GLY A 226 -20.35 0.10 14.46
N HIS A 227 -20.52 0.34 15.76
CA HIS A 227 -19.58 1.11 16.57
C HIS A 227 -18.13 0.63 16.50
N ALA A 228 -17.92 -0.67 16.66
CA ALA A 228 -16.59 -1.24 16.64
C ALA A 228 -15.90 -1.04 15.29
N ILE A 229 -16.69 -1.12 14.22
CA ILE A 229 -16.16 -0.92 12.88
C ILE A 229 -15.75 0.54 12.71
N VAL A 230 -16.61 1.45 13.18
CA VAL A 230 -16.31 2.87 13.11
C VAL A 230 -15.07 3.19 13.95
N ALA A 231 -15.00 2.60 15.13
CA ALA A 231 -13.87 2.79 16.04
C ALA A 231 -12.57 2.31 15.37
N HIS A 232 -12.63 1.13 14.75
CA HIS A 232 -11.47 0.56 14.10
C HIS A 232 -11.07 1.36 12.87
N ALA A 233 -12.06 1.93 12.20
CA ALA A 233 -11.85 2.72 11.00
C ALA A 233 -10.98 3.95 11.25
N LEU A 234 -11.03 4.48 12.48
CA LEU A 234 -10.19 5.60 12.86
C LEU A 234 -8.71 5.30 12.65
N PHE A 235 -8.36 4.03 12.68
CA PHE A 235 -6.95 3.63 12.60
C PHE A 235 -6.55 3.07 11.23
N VAL A 236 -7.45 2.35 10.56
CA VAL A 236 -7.09 1.71 9.31
C VAL A 236 -7.90 2.21 8.11
N GLY A 237 -8.95 2.98 8.38
CA GLY A 237 -9.81 3.49 7.32
C GLY A 237 -11.03 2.61 7.20
N PHE A 238 -12.13 3.20 6.75
CA PHE A 238 -13.42 2.49 6.70
C PHE A 238 -13.37 1.29 5.77
N ARG A 239 -12.74 1.47 4.60
CA ARG A 239 -12.64 0.40 3.61
C ARG A 239 -11.90 -0.83 4.16
N GLN A 240 -10.80 -0.61 4.86
CA GLN A 240 -10.02 -1.72 5.41
C GLN A 240 -10.70 -2.31 6.64
N ALA A 241 -11.36 -1.46 7.42
CA ALA A 241 -12.05 -1.92 8.62
C ALA A 241 -13.20 -2.86 8.28
N VAL A 242 -13.96 -2.50 7.24
CA VAL A 242 -15.08 -3.32 6.79
C VAL A 242 -14.57 -4.64 6.23
N ALA A 243 -13.54 -4.57 5.41
CA ALA A 243 -12.98 -5.77 4.79
C ALA A 243 -12.43 -6.74 5.83
N GLU A 244 -11.72 -6.21 6.81
CA GLU A 244 -11.15 -7.02 7.88
C GLU A 244 -12.23 -7.72 8.70
N MET A 245 -13.30 -7.00 9.00
CA MET A 245 -14.39 -7.57 9.78
C MET A 245 -15.10 -8.68 9.02
N LYS A 246 -15.35 -8.45 7.73
CA LYS A 246 -16.02 -9.45 6.91
C LYS A 246 -15.19 -10.72 6.80
N ALA A 247 -13.88 -10.55 6.65
CA ALA A 247 -12.97 -11.68 6.49
C ALA A 247 -12.95 -12.54 7.75
N LEU A 248 -13.00 -11.89 8.91
CA LEU A 248 -13.08 -12.59 10.19
C LEU A 248 -14.35 -13.44 10.25
N MET A 249 -15.48 -12.85 9.89
CA MET A 249 -16.76 -13.52 9.91
C MET A 249 -16.80 -14.72 8.96
N LEU A 250 -16.32 -14.54 7.74
CA LEU A 250 -16.30 -15.60 6.75
C LEU A 250 -15.41 -16.78 7.18
N ALA A 251 -14.25 -16.46 7.74
CA ALA A 251 -13.31 -17.48 8.17
C ALA A 251 -13.86 -18.26 9.38
N ALA A 252 -14.63 -17.57 10.21
CA ALA A 252 -15.19 -18.18 11.42
C ALA A 252 -16.42 -19.01 11.10
N ALA A 253 -17.18 -18.59 10.09
CA ALA A 253 -18.43 -19.25 9.73
C ALA A 253 -18.16 -20.52 8.93
N THR A 254 -16.94 -20.67 8.44
CA THR A 254 -16.56 -21.84 7.67
C THR A 254 -16.45 -23.08 8.57
N THR B 13 11.65 28.76 11.75
CA THR B 13 11.57 27.35 11.37
C THR B 13 10.24 27.06 10.69
N ARG B 14 9.97 25.78 10.41
CA ARG B 14 8.76 25.43 9.67
C ARG B 14 7.52 25.51 10.56
N ILE B 15 6.35 25.46 9.92
CA ILE B 15 5.08 25.43 10.64
C ILE B 15 4.96 24.10 11.38
N LEU B 16 4.26 24.10 12.50
CA LEU B 16 4.14 22.91 13.34
C LEU B 16 2.70 22.40 13.36
N LEU B 17 2.54 21.10 13.47
CA LEU B 17 1.22 20.50 13.57
C LEU B 17 1.01 19.86 14.94
N GLY B 18 0.03 20.37 15.68
CA GLY B 18 -0.42 19.73 16.90
C GLY B 18 -1.74 19.04 16.64
N VAL B 19 -1.81 17.76 16.97
CA VAL B 19 -3.03 17.00 16.72
C VAL B 19 -3.85 16.85 18.00
N ASN B 20 -5.07 17.36 17.95
CA ASN B 20 -6.00 17.25 19.07
C ASN B 20 -6.81 15.97 18.94
N ILE B 21 -6.85 15.17 20.00
CA ILE B 21 -7.46 13.85 19.93
C ILE B 21 -8.75 13.76 20.75
N ASP B 22 -9.39 14.88 21.03
CA ASP B 22 -10.61 14.90 21.83
C ASP B 22 -11.72 14.02 21.29
N HIS B 23 -11.94 14.10 19.98
CA HIS B 23 -13.12 13.48 19.39
C HIS B 23 -12.95 11.99 19.09
N VAL B 24 -11.76 11.46 19.33
CA VAL B 24 -11.58 10.02 19.38
C VAL B 24 -12.31 9.53 20.63
N ALA B 25 -12.16 10.30 21.72
CA ALA B 25 -12.82 9.97 22.97
C ALA B 25 -14.32 10.21 22.87
N THR B 26 -14.72 11.18 22.03
CA THR B 26 -16.13 11.43 21.75
C THR B 26 -16.79 10.16 21.24
N LEU B 27 -16.11 9.50 20.31
CA LEU B 27 -16.59 8.27 19.71
C LEU B 27 -16.58 7.12 20.71
N ARG B 28 -15.66 7.20 21.67
CA ARG B 28 -15.56 6.18 22.72
C ARG B 28 -16.68 6.28 23.74
N GLN B 29 -16.96 7.51 24.19
CA GLN B 29 -17.95 7.74 25.23
C GLN B 29 -19.37 7.43 24.76
N ALA B 30 -19.55 7.37 23.44
CA ALA B 30 -20.85 7.11 22.86
C ALA B 30 -21.38 5.72 23.26
N ARG B 31 -20.47 4.78 23.45
CA ARG B 31 -20.87 3.41 23.78
C ARG B 31 -20.25 2.99 25.12
N GLY B 32 -19.40 3.84 25.66
CA GLY B 32 -18.77 3.57 26.94
C GLY B 32 -17.82 2.39 26.99
N THR B 33 -17.16 2.11 25.87
CA THR B 33 -16.18 1.03 25.82
C THR B 33 -14.78 1.59 26.07
N ARG B 34 -13.77 0.77 25.86
CA ARG B 34 -12.38 1.22 25.97
C ARG B 34 -11.87 1.65 24.61
N TYR B 35 -12.61 1.30 23.56
CA TYR B 35 -12.24 1.69 22.21
C TYR B 35 -13.27 2.66 21.62
N PRO B 36 -12.82 3.56 20.73
CA PRO B 36 -11.42 3.74 20.34
C PRO B 36 -10.63 4.49 21.42
N ASP B 37 -9.37 4.10 21.60
CA ASP B 37 -8.51 4.71 22.62
C ASP B 37 -7.79 5.92 22.04
N PRO B 38 -8.05 7.11 22.61
CA PRO B 38 -7.36 8.33 22.18
C PRO B 38 -5.85 8.23 22.38
N VAL B 39 -5.41 7.37 23.30
CA VAL B 39 -3.99 7.14 23.54
C VAL B 39 -3.35 6.51 22.31
N LYS B 40 -4.00 5.50 21.76
CA LYS B 40 -3.52 4.81 20.56
C LYS B 40 -3.47 5.77 19.37
N ALA B 41 -4.47 6.62 19.26
CA ALA B 41 -4.54 7.60 18.17
C ALA B 41 -3.38 8.60 18.28
N ALA B 42 -3.11 9.05 19.50
CA ALA B 42 -2.01 9.97 19.77
C ALA B 42 -0.67 9.36 19.38
N LEU B 43 -0.46 8.10 19.72
CA LEU B 43 0.79 7.42 19.41
C LEU B 43 0.90 7.20 17.89
N ASP B 44 -0.24 6.96 17.25
CA ASP B 44 -0.27 6.86 15.80
C ASP B 44 0.05 8.22 15.18
N ALA B 45 -0.46 9.28 15.79
CA ALA B 45 -0.26 10.63 15.30
C ALA B 45 1.22 11.03 15.34
N GLU B 46 1.88 10.72 16.45
CA GLU B 46 3.30 11.03 16.60
C GLU B 46 4.12 10.28 15.57
N GLU B 47 3.81 9.00 15.43
CA GLU B 47 4.46 8.11 14.48
C GLU B 47 4.25 8.59 13.04
N ALA B 48 3.14 9.29 12.80
CA ALA B 48 2.82 9.79 11.48
C ALA B 48 3.33 11.22 11.25
N GLY B 49 4.05 11.76 12.23
CA GLY B 49 4.71 13.05 12.04
C GLY B 49 4.19 14.25 12.84
N ALA B 50 3.22 14.03 13.72
CA ALA B 50 2.72 15.10 14.56
C ALA B 50 3.82 15.69 15.44
N ASP B 51 3.80 17.00 15.63
CA ASP B 51 4.85 17.66 16.41
C ASP B 51 4.48 17.71 17.88
N GLY B 52 3.19 17.58 18.16
CA GLY B 52 2.70 17.53 19.53
C GLY B 52 1.28 17.01 19.60
N ILE B 53 0.85 16.58 20.77
CA ILE B 53 -0.50 16.08 20.96
C ILE B 53 -1.28 16.99 21.90
N THR B 54 -2.45 17.42 21.45
CA THR B 54 -3.30 18.31 22.23
C THR B 54 -4.46 17.52 22.83
N VAL B 55 -4.73 17.77 24.11
CA VAL B 55 -5.82 17.07 24.78
C VAL B 55 -6.56 18.03 25.72
N HIS B 56 -7.88 18.03 25.65
CA HIS B 56 -8.69 18.93 26.45
C HIS B 56 -9.51 18.17 27.49
N LEU B 57 -9.09 18.25 28.75
CA LEU B 57 -9.86 17.67 29.84
C LEU B 57 -10.88 18.67 30.35
N ARG B 58 -12.15 18.43 30.04
CA ARG B 58 -13.23 19.35 30.42
C ARG B 58 -13.73 19.05 31.83
N GLU B 59 -14.33 20.06 32.46
CA GLU B 59 -14.89 19.91 33.79
C GLU B 59 -16.04 18.90 33.76
N ASP B 60 -16.85 18.96 32.71
CA ASP B 60 -17.97 18.04 32.56
C ASP B 60 -17.56 16.64 32.09
N ARG B 61 -16.27 16.47 31.79
CA ARG B 61 -15.74 15.18 31.33
C ARG B 61 -16.52 14.65 30.12
N ARG B 62 -16.80 15.52 29.17
CA ARG B 62 -17.62 15.20 28.01
C ARG B 62 -16.99 14.07 27.18
N HIS B 63 -15.69 14.19 26.92
CA HIS B 63 -14.97 13.16 26.18
C HIS B 63 -13.73 12.66 26.94
N ILE B 64 -12.68 13.45 26.97
CA ILE B 64 -11.42 13.07 27.62
C ILE B 64 -11.62 12.89 29.13
N GLN B 65 -11.01 11.83 29.67
CA GLN B 65 -11.04 11.53 31.09
C GLN B 65 -9.66 11.71 31.74
N GLU B 66 -9.61 11.57 33.06
CA GLU B 66 -8.34 11.68 33.80
C GLU B 66 -7.38 10.60 33.35
N ARG B 67 -7.93 9.41 33.09
CA ARG B 67 -7.21 8.26 32.58
C ARG B 67 -6.46 8.61 31.30
N ASP B 68 -7.12 9.34 30.41
CA ASP B 68 -6.53 9.70 29.12
C ASP B 68 -5.26 10.52 29.29
N VAL B 69 -5.34 11.57 30.11
CA VAL B 69 -4.23 12.48 30.32
C VAL B 69 -3.04 11.81 31.00
N ARG B 70 -3.32 11.00 32.03
CA ARG B 70 -2.27 10.36 32.80
C ARG B 70 -1.51 9.31 31.98
N VAL B 71 -2.24 8.55 31.16
CA VAL B 71 -1.61 7.55 30.30
C VAL B 71 -0.77 8.23 29.23
N LEU B 72 -1.32 9.31 28.65
CA LEU B 72 -0.60 10.08 27.63
C LEU B 72 0.75 10.57 28.15
N LYS B 73 0.77 11.06 29.39
CA LYS B 73 1.99 11.52 30.03
C LYS B 73 3.08 10.45 30.01
N GLU B 74 2.66 9.19 30.17
CA GLU B 74 3.59 8.06 30.21
C GLU B 74 4.05 7.57 28.84
N VAL B 75 3.32 7.89 27.78
CA VAL B 75 3.59 7.27 26.48
C VAL B 75 4.02 8.25 25.39
N LEU B 76 3.73 9.53 25.56
CA LEU B 76 4.03 10.52 24.52
C LEU B 76 5.52 10.61 24.19
N GLN B 77 5.82 10.59 22.88
CA GLN B 77 7.20 10.68 22.41
C GLN B 77 7.57 12.13 22.11
N THR B 78 6.56 13.00 22.02
CA THR B 78 6.79 14.40 21.69
C THR B 78 6.54 15.30 22.89
N ARG B 79 5.35 15.88 22.95
CA ARG B 79 4.98 16.79 24.02
C ARG B 79 3.47 16.94 24.08
N MET B 80 2.96 17.17 25.29
CA MET B 80 1.52 17.32 25.48
C MET B 80 1.11 18.79 25.50
N ASN B 81 0.01 19.10 24.83
CA ASN B 81 -0.59 20.42 24.91
C ASN B 81 -1.91 20.29 25.64
N PHE B 82 -1.89 20.65 26.92
CA PHE B 82 -3.03 20.42 27.81
C PHE B 82 -3.99 21.60 27.79
N GLU B 83 -5.13 21.41 27.14
CA GLU B 83 -6.17 22.44 27.10
C GLU B 83 -7.04 22.31 28.34
N MET B 84 -7.33 23.44 28.99
CA MET B 84 -8.04 23.41 30.25
C MET B 84 -8.77 24.72 30.54
N GLY B 85 -9.85 24.63 31.31
CA GLY B 85 -10.48 25.81 31.85
C GLY B 85 -9.83 26.17 33.17
N VAL B 86 -9.74 27.45 33.47
CA VAL B 86 -9.04 27.90 34.68
C VAL B 86 -9.90 27.72 35.92
N THR B 87 -9.64 26.64 36.64
CA THR B 87 -10.23 26.43 37.97
C THR B 87 -9.14 25.94 38.90
N GLU B 88 -9.39 26.00 40.20
CA GLU B 88 -8.40 25.55 41.18
C GLU B 88 -8.14 24.05 41.05
N GLU B 89 -9.21 23.29 40.87
CA GLU B 89 -9.12 21.84 40.73
C GLU B 89 -8.26 21.47 39.52
N MET B 90 -8.43 22.22 38.43
CA MET B 90 -7.75 21.91 37.17
C MET B 90 -6.30 22.40 37.17
N LEU B 91 -6.04 23.55 37.80
CA LEU B 91 -4.68 24.06 37.88
C LEU B 91 -3.79 23.11 38.66
N ALA B 92 -4.30 22.61 39.78
CA ALA B 92 -3.55 21.67 40.62
C ALA B 92 -3.26 20.38 39.86
N PHE B 93 -4.24 19.93 39.08
CA PHE B 93 -4.07 18.75 38.25
C PHE B 93 -2.94 18.94 37.26
N ALA B 94 -2.91 20.12 36.64
CA ALA B 94 -1.88 20.45 35.67
C ALA B 94 -0.52 20.56 36.35
N GLU B 95 -0.51 21.06 37.58
CA GLU B 95 0.73 21.18 38.35
C GLU B 95 1.34 19.82 38.68
N GLU B 96 0.50 18.80 38.81
CA GLU B 96 1.00 17.44 39.00
C GLU B 96 1.45 16.83 37.67
N ILE B 97 0.60 16.97 36.65
CA ILE B 97 0.85 16.40 35.33
C ILE B 97 2.09 17.02 34.68
N ARG B 98 2.22 18.34 34.83
CA ARG B 98 3.34 19.09 34.27
C ARG B 98 3.49 18.92 32.75
N PRO B 99 2.48 19.34 31.97
CA PRO B 99 2.62 19.24 30.52
C PRO B 99 3.60 20.27 29.98
N ALA B 100 4.30 19.94 28.90
CA ALA B 100 5.26 20.87 28.31
C ALA B 100 4.53 22.12 27.81
N HIS B 101 3.38 21.90 27.18
CA HIS B 101 2.55 23.01 26.72
C HIS B 101 1.18 22.95 27.39
N SER B 102 0.60 24.11 27.62
CA SER B 102 -0.76 24.20 28.12
C SER B 102 -1.50 25.32 27.40
N CYS B 103 -2.81 25.21 27.32
CA CYS B 103 -3.61 26.22 26.65
C CYS B 103 -4.88 26.50 27.43
N LEU B 104 -5.08 27.76 27.82
CA LEU B 104 -6.23 28.15 28.61
C LEU B 104 -7.43 28.47 27.73
N VAL B 105 -8.51 27.73 27.93
CA VAL B 105 -9.71 27.86 27.10
C VAL B 105 -10.92 28.21 27.97
N PRO B 106 -11.96 28.80 27.37
CA PRO B 106 -13.17 29.07 28.13
C PRO B 106 -14.11 27.86 28.24
N GLU B 107 -14.66 27.63 29.43
CA GLU B 107 -15.63 26.57 29.64
C GLU B 107 -16.90 27.11 30.29
N ARG B 108 -16.78 28.21 31.02
CA ARG B 108 -17.92 28.79 31.73
C ARG B 108 -18.45 30.03 31.00
N ARG B 109 -19.69 30.40 31.29
CA ARG B 109 -20.37 31.47 30.56
C ARG B 109 -19.69 32.84 30.70
N GLU B 110 -19.14 33.11 31.88
CA GLU B 110 -18.59 34.43 32.17
C GLU B 110 -17.27 34.67 31.44
N GLU B 111 -16.56 33.59 31.14
CA GLU B 111 -15.24 33.70 30.53
C GLU B 111 -15.32 33.55 29.00
N LEU B 112 -16.53 33.33 28.49
CA LEU B 112 -16.73 33.25 27.05
C LEU B 112 -17.03 34.64 26.47
N THR B 113 -16.37 34.96 25.36
CA THR B 113 -16.75 36.13 24.58
C THR B 113 -17.84 35.71 23.61
N THR B 114 -18.40 36.67 22.87
CA THR B 114 -19.43 36.35 21.91
C THR B 114 -18.88 35.47 20.79
N GLU B 115 -17.65 35.76 20.38
CA GLU B 115 -17.03 35.01 19.29
C GLU B 115 -16.62 33.61 19.75
N GLY B 116 -16.35 33.46 21.05
CA GLY B 116 -16.06 32.15 21.60
C GLY B 116 -14.71 31.99 22.28
N GLY B 117 -13.84 32.98 22.11
CA GLY B 117 -12.53 32.95 22.74
C GLY B 117 -12.56 33.27 24.22
N LEU B 118 -11.43 33.07 24.89
CA LEU B 118 -11.31 33.36 26.30
C LEU B 118 -11.28 34.88 26.52
N ASP B 119 -12.13 35.34 27.42
CA ASP B 119 -12.20 36.77 27.74
C ASP B 119 -11.07 37.13 28.69
N VAL B 120 -9.86 37.24 28.15
CA VAL B 120 -8.67 37.54 28.94
C VAL B 120 -8.76 38.95 29.51
N ALA B 121 -9.22 39.88 28.68
CA ALA B 121 -9.36 41.28 29.07
C ALA B 121 -10.26 41.48 30.28
N GLY B 122 -11.30 40.67 30.38
CA GLY B 122 -12.23 40.77 31.49
C GLY B 122 -11.76 40.17 32.79
N GLN B 123 -10.78 39.27 32.72
CA GLN B 123 -10.28 38.57 33.90
C GLN B 123 -8.75 38.51 33.94
N GLU B 124 -8.11 39.64 33.70
CA GLU B 124 -6.65 39.68 33.54
C GLU B 124 -5.90 39.09 34.74
N GLN B 125 -6.33 39.45 35.94
CA GLN B 125 -5.64 39.01 37.15
C GLN B 125 -5.79 37.51 37.37
N ARG B 126 -6.99 36.99 37.11
CA ARG B 126 -7.26 35.57 37.26
C ARG B 126 -6.42 34.75 36.29
N ILE B 127 -6.30 35.25 35.06
CA ILE B 127 -5.51 34.59 34.03
C ILE B 127 -4.02 34.72 34.33
N ARG B 128 -3.62 35.89 34.81
CA ARG B 128 -2.22 36.17 35.13
C ARG B 128 -1.68 35.17 36.15
N ASP B 129 -2.48 34.88 37.17
CA ASP B 129 -2.10 33.91 38.19
C ASP B 129 -2.00 32.50 37.61
N ALA B 130 -2.95 32.17 36.74
CA ALA B 130 -2.97 30.86 36.09
C ALA B 130 -1.72 30.66 35.24
N VAL B 131 -1.36 31.68 34.47
CA VAL B 131 -0.17 31.62 33.63
C VAL B 131 1.08 31.44 34.48
N ARG B 132 1.15 32.21 35.57
CA ARG B 132 2.30 32.17 36.46
C ARG B 132 2.47 30.80 37.11
N ARG B 133 1.37 30.20 37.53
CA ARG B 133 1.40 28.90 38.21
C ARG B 133 1.85 27.80 37.25
N LEU B 134 1.33 27.84 36.02
CA LEU B 134 1.68 26.83 35.02
C LEU B 134 3.11 27.00 34.54
N ALA B 135 3.54 28.25 34.40
CA ALA B 135 4.91 28.54 33.98
C ALA B 135 5.91 28.05 35.03
N ALA B 136 5.51 28.13 36.29
CA ALA B 136 6.35 27.70 37.41
C ALA B 136 6.56 26.18 37.40
N VAL B 137 5.74 25.50 36.61
CA VAL B 137 5.78 24.05 36.53
C VAL B 137 6.51 23.68 35.22
N GLY B 138 6.92 24.70 34.49
CA GLY B 138 7.75 24.52 33.31
C GLY B 138 6.97 24.47 32.02
N SER B 139 5.68 24.78 32.10
CA SER B 139 4.79 24.71 30.96
C SER B 139 4.77 26.00 30.14
N GLU B 140 4.83 25.87 28.82
CA GLU B 140 4.62 27.00 27.93
C GLU B 140 3.12 27.23 27.75
N VAL B 141 2.63 28.35 28.26
CA VAL B 141 1.20 28.59 28.32
C VAL B 141 0.70 29.36 27.10
N SER B 142 -0.40 28.89 26.54
CA SER B 142 -1.07 29.57 25.43
C SER B 142 -2.46 30.01 25.86
N LEU B 143 -2.94 31.10 25.27
CA LEU B 143 -4.29 31.57 25.55
C LEU B 143 -5.16 31.52 24.29
N PHE B 144 -6.27 30.80 24.38
CA PHE B 144 -7.19 30.69 23.26
C PHE B 144 -8.08 31.93 23.19
N ILE B 145 -7.77 32.84 22.27
CA ILE B 145 -8.46 34.12 22.19
C ILE B 145 -9.00 34.38 20.79
N ASP B 146 -9.92 35.33 20.70
CA ASP B 146 -10.41 35.79 19.41
C ASP B 146 -9.31 36.57 18.71
N PRO B 147 -9.37 36.65 17.37
CA PRO B 147 -8.41 37.53 16.67
C PRO B 147 -8.75 39.00 16.87
N ASP B 148 -8.80 39.42 18.14
CA ASP B 148 -9.19 40.78 18.51
C ASP B 148 -8.04 41.49 19.19
N PRO B 149 -7.72 42.71 18.72
CA PRO B 149 -6.61 43.53 19.22
C PRO B 149 -6.58 43.68 20.74
N ARG B 150 -7.76 43.80 21.36
CA ARG B 150 -7.83 44.02 22.79
C ARG B 150 -7.51 42.77 23.59
N GLN B 151 -7.86 41.60 23.05
CA GLN B 151 -7.57 40.35 23.72
C GLN B 151 -6.11 39.95 23.53
N ILE B 152 -5.57 40.29 22.36
CA ILE B 152 -4.17 40.00 22.04
C ILE B 152 -3.25 40.81 22.95
N GLU B 153 -3.59 42.08 23.15
CA GLU B 153 -2.79 42.97 23.97
C GLU B 153 -2.87 42.61 25.45
N ALA B 154 -4.05 42.17 25.89
CA ALA B 154 -4.24 41.71 27.26
C ALA B 154 -3.40 40.47 27.54
N SER B 155 -3.36 39.56 26.57
CA SER B 155 -2.60 38.32 26.68
C SER B 155 -1.12 38.59 26.91
N ALA B 156 -0.60 39.62 26.24
CA ALA B 156 0.80 40.01 26.41
C ALA B 156 1.03 40.55 27.82
N ARG B 157 0.06 41.30 28.33
CA ARG B 157 0.14 41.88 29.66
C ARG B 157 0.22 40.84 30.77
N VAL B 158 -0.56 39.77 30.64
CA VAL B 158 -0.66 38.78 31.70
C VAL B 158 0.55 37.84 31.70
N GLY B 159 1.43 38.01 30.72
CA GLY B 159 2.70 37.31 30.72
C GLY B 159 2.70 35.95 30.06
N ALA B 160 1.63 35.64 29.32
CA ALA B 160 1.56 34.39 28.58
C ALA B 160 2.50 34.45 27.39
N PRO B 161 3.31 33.39 27.19
CA PRO B 161 4.25 33.37 26.06
C PRO B 161 3.57 33.19 24.70
N ALA B 162 2.36 32.64 24.68
CA ALA B 162 1.72 32.30 23.41
C ALA B 162 0.22 32.55 23.40
N ILE B 163 -0.33 32.72 22.20
CA ILE B 163 -1.77 32.81 21.99
C ILE B 163 -2.21 31.87 20.87
N GLU B 164 -3.44 31.37 20.96
CA GLU B 164 -4.03 30.64 19.85
C GLU B 164 -5.29 31.36 19.34
N LEU B 165 -5.25 31.79 18.09
CA LEU B 165 -6.35 32.54 17.50
C LEU B 165 -7.55 31.65 17.14
N HIS B 166 -8.74 32.10 17.50
CA HIS B 166 -9.98 31.39 17.19
C HIS B 166 -10.28 31.52 15.70
N THR B 167 -10.03 30.45 14.94
CA THR B 167 -10.25 30.47 13.50
C THR B 167 -11.64 29.95 13.12
N GLY B 168 -12.53 29.92 14.11
CA GLY B 168 -13.88 29.43 13.90
C GLY B 168 -14.68 30.23 12.88
N ARG B 169 -14.62 31.55 12.99
CA ARG B 169 -15.39 32.41 12.09
C ARG B 169 -14.88 32.29 10.65
N TYR B 170 -13.56 32.22 10.49
CA TYR B 170 -12.96 31.99 9.19
C TYR B 170 -13.47 30.67 8.62
N ALA B 171 -13.48 29.64 9.47
CA ALA B 171 -13.92 28.30 9.08
C ALA B 171 -15.43 28.24 8.82
N ASP B 172 -16.18 29.08 9.51
CA ASP B 172 -17.65 29.06 9.43
C ASP B 172 -18.20 29.97 8.34
N ALA B 173 -17.32 30.64 7.61
CA ALA B 173 -17.73 31.60 6.58
C ALA B 173 -18.54 30.95 5.46
N GLU B 174 -19.65 31.58 5.08
CA GLU B 174 -20.53 31.02 4.07
C GLU B 174 -20.18 31.47 2.64
N ASP B 175 -19.93 32.76 2.47
CA ASP B 175 -19.56 33.31 1.17
C ASP B 175 -18.07 33.62 1.12
N PRO B 176 -17.45 33.51 -0.07
CA PRO B 176 -16.03 33.80 -0.25
C PRO B 176 -15.60 35.17 0.26
N GLU B 177 -16.47 36.17 0.11
CA GLU B 177 -16.16 37.51 0.56
C GLU B 177 -16.01 37.59 2.08
N GLU B 178 -16.90 36.89 2.80
CA GLU B 178 -16.83 36.84 4.26
C GLU B 178 -15.55 36.15 4.72
N GLN B 179 -15.18 35.09 4.03
CA GLN B 179 -14.00 34.31 4.39
C GLN B 179 -12.71 35.12 4.21
N ALA B 180 -12.69 35.94 3.17
CA ALA B 180 -11.54 36.81 2.92
C ALA B 180 -11.37 37.80 4.05
N ARG B 181 -12.50 38.34 4.54
CA ARG B 181 -12.48 39.29 5.65
C ARG B 181 -11.98 38.64 6.94
N GLU B 182 -12.49 37.44 7.23
CA GLU B 182 -12.16 36.74 8.46
C GLU B 182 -10.70 36.29 8.45
N LEU B 183 -10.19 35.94 7.28
CA LEU B 183 -8.80 35.55 7.12
C LEU B 183 -7.89 36.74 7.39
N GLN B 184 -8.36 37.93 7.00
CA GLN B 184 -7.62 39.16 7.20
C GLN B 184 -7.53 39.51 8.69
N ARG B 185 -8.58 39.18 9.43
CA ARG B 185 -8.56 39.36 10.88
C ARG B 185 -7.48 38.50 11.51
N VAL B 186 -7.39 37.26 11.05
CA VAL B 186 -6.39 36.32 11.54
C VAL B 186 -4.99 36.81 11.19
N ARG B 187 -4.84 37.29 9.96
CA ARG B 187 -3.55 37.78 9.48
C ARG B 187 -3.07 38.95 10.32
N GLU B 188 -3.98 39.86 10.61
CA GLU B 188 -3.67 41.03 11.44
C GLU B 188 -3.41 40.61 12.88
N GLY B 189 -4.11 39.57 13.32
CA GLY B 189 -3.92 39.00 14.64
C GLY B 189 -2.52 38.46 14.85
N VAL B 190 -2.02 37.73 13.86
CA VAL B 190 -0.68 37.16 13.91
C VAL B 190 0.36 38.27 13.98
N ALA B 191 0.20 39.27 13.12
CA ALA B 191 1.13 40.40 13.05
C ALA B 191 1.22 41.13 14.39
N LEU B 192 0.06 41.38 15.01
CA LEU B 192 0.03 42.09 16.29
C LEU B 192 0.70 41.28 17.39
N GLY B 193 0.38 39.99 17.43
CA GLY B 193 0.95 39.10 18.45
C GLY B 193 2.46 39.03 18.40
N ARG B 194 3.00 38.88 17.20
CA ARG B 194 4.45 38.79 17.02
CA ARG B 194 4.44 38.78 17.03
C ARG B 194 5.14 40.11 17.29
N SER B 195 4.40 41.21 17.12
CA SER B 195 4.96 42.53 17.42
C SER B 195 5.10 42.69 18.92
N LEU B 196 4.25 41.99 19.66
CA LEU B 196 4.31 42.00 21.12
C LEU B 196 5.18 40.85 21.65
N GLY B 197 5.86 40.16 20.74
CA GLY B 197 6.76 39.08 21.11
C GLY B 197 6.08 37.77 21.46
N LEU B 198 4.83 37.64 21.06
CA LEU B 198 4.06 36.42 21.34
C LEU B 198 4.23 35.36 20.28
N ILE B 199 4.15 34.10 20.69
CA ILE B 199 4.03 32.99 19.76
C ILE B 199 2.56 32.90 19.37
N VAL B 200 2.27 32.84 18.08
CA VAL B 200 0.88 32.87 17.63
C VAL B 200 0.47 31.57 16.96
N ASN B 201 -0.56 30.93 17.53
CA ASN B 201 -1.09 29.68 16.99
C ASN B 201 -2.52 29.87 16.48
N ALA B 202 -3.04 28.81 15.86
CA ALA B 202 -4.43 28.77 15.42
C ALA B 202 -4.82 27.31 15.23
N GLY B 203 -5.96 27.05 14.61
CA GLY B 203 -6.31 25.70 14.23
C GLY B 203 -7.76 25.28 14.35
N HIS B 204 -8.51 25.95 15.21
CA HIS B 204 -9.90 25.57 15.47
C HIS B 204 -10.77 25.68 14.21
N GLY B 205 -11.49 24.60 13.91
CA GLY B 205 -12.42 24.59 12.80
C GLY B 205 -11.78 24.37 11.44
N LEU B 206 -10.45 24.37 11.40
CA LEU B 206 -9.73 24.20 10.15
C LEU B 206 -9.85 22.77 9.65
N HIS B 207 -10.00 22.62 8.34
CA HIS B 207 -10.07 21.29 7.74
C HIS B 207 -9.20 21.24 6.49
N TYR B 208 -9.28 20.14 5.77
CA TYR B 208 -8.37 19.88 4.65
C TYR B 208 -8.62 20.76 3.42
N HIS B 209 -9.66 21.58 3.47
CA HIS B 209 -9.97 22.43 2.33
C HIS B 209 -9.92 23.93 2.64
N ASN B 210 -9.60 24.29 3.88
CA ASN B 210 -9.43 25.71 4.22
C ASN B 210 -8.17 26.01 5.04
N VAL B 211 -7.39 24.97 5.33
CA VAL B 211 -6.22 25.12 6.20
C VAL B 211 -5.09 25.91 5.52
N GLU B 212 -4.93 25.72 4.21
CA GLU B 212 -3.78 26.25 3.49
C GLU B 212 -3.63 27.79 3.55
N PRO B 213 -4.72 28.55 3.36
CA PRO B 213 -4.54 30.00 3.48
C PRO B 213 -4.08 30.43 4.87
N VAL B 214 -4.46 29.65 5.89
CA VAL B 214 -4.07 29.94 7.26
C VAL B 214 -2.61 29.56 7.50
N ALA B 215 -2.21 28.40 6.97
CA ALA B 215 -0.84 27.92 7.11
C ALA B 215 0.13 28.80 6.33
N ALA B 216 -0.39 29.52 5.35
CA ALA B 216 0.43 30.38 4.50
C ALA B 216 0.75 31.71 5.18
N ILE B 217 0.06 32.01 6.28
CA ILE B 217 0.23 33.28 6.97
C ILE B 217 1.64 33.36 7.56
N ASP B 218 2.32 34.47 7.28
CA ASP B 218 3.67 34.69 7.78
C ASP B 218 3.68 34.77 9.30
N GLY B 219 4.52 33.96 9.93
CA GLY B 219 4.66 34.00 11.37
C GLY B 219 3.81 33.03 12.17
N ILE B 220 2.92 32.32 11.50
CA ILE B 220 2.14 31.27 12.18
C ILE B 220 3.08 30.20 12.69
N ASN B 221 2.96 29.89 13.98
CA ASN B 221 3.84 28.93 14.62
C ASN B 221 3.32 27.50 14.50
N GLU B 222 2.19 27.24 15.14
CA GLU B 222 1.65 25.89 15.16
C GLU B 222 0.13 25.90 14.97
N LEU B 223 -0.36 24.98 14.17
CA LEU B 223 -1.80 24.79 14.04
C LEU B 223 -2.24 23.57 14.86
N ASN B 224 -3.18 23.79 15.77
CA ASN B 224 -3.76 22.69 16.55
C ASN B 224 -5.09 22.29 15.94
N ILE B 225 -5.10 21.13 15.29
CA ILE B 225 -6.28 20.65 14.58
C ILE B 225 -6.71 19.32 15.16
N GLY B 226 -8.02 19.17 15.39
CA GLY B 226 -8.55 17.96 15.99
C GLY B 226 -9.64 17.28 15.19
N HIS B 227 -10.83 17.85 15.24
CA HIS B 227 -12.03 17.23 14.68
C HIS B 227 -11.88 16.83 13.22
N ALA B 228 -11.35 17.74 12.40
CA ALA B 228 -11.19 17.46 10.97
C ALA B 228 -10.26 16.29 10.70
N ILE B 229 -9.22 16.16 11.52
CA ILE B 229 -8.28 15.05 11.38
C ILE B 229 -8.95 13.75 11.77
N VAL B 230 -9.72 13.78 12.87
CA VAL B 230 -10.44 12.62 13.34
C VAL B 230 -11.47 12.18 12.29
N ALA B 231 -12.19 13.16 11.73
CA ALA B 231 -13.19 12.91 10.70
C ALA B 231 -12.58 12.25 9.46
N HIS B 232 -11.44 12.79 9.02
CA HIS B 232 -10.76 12.27 7.84
C HIS B 232 -10.15 10.90 8.10
N ALA B 233 -9.74 10.67 9.34
CA ALA B 233 -9.14 9.39 9.74
C ALA B 233 -10.12 8.24 9.57
N LEU B 234 -11.41 8.52 9.67
CA LEU B 234 -12.44 7.51 9.45
C LEU B 234 -12.34 6.88 8.06
N PHE B 235 -11.77 7.61 7.11
CA PHE B 235 -11.72 7.16 5.73
C PHE B 235 -10.35 6.64 5.30
N VAL B 236 -9.27 7.25 5.78
CA VAL B 236 -7.93 6.87 5.35
C VAL B 236 -7.07 6.33 6.49
N GLY B 237 -7.55 6.48 7.72
CA GLY B 237 -6.79 6.02 8.88
C GLY B 237 -6.07 7.19 9.53
N PHE B 238 -5.83 7.09 10.83
CA PHE B 238 -5.25 8.20 11.58
C PHE B 238 -3.85 8.56 11.10
N ARG B 239 -3.03 7.55 10.84
CA ARG B 239 -1.67 7.78 10.37
C ARG B 239 -1.63 8.55 9.05
N GLN B 240 -2.49 8.17 8.11
CA GLN B 240 -2.51 8.84 6.81
C GLN B 240 -3.19 10.22 6.90
N ALA B 241 -4.19 10.33 7.77
CA ALA B 241 -4.90 11.59 7.95
C ALA B 241 -3.97 12.65 8.53
N VAL B 242 -3.18 12.25 9.52
CA VAL B 242 -2.24 13.17 10.16
C VAL B 242 -1.15 13.59 9.17
N ALA B 243 -0.60 12.63 8.44
CA ALA B 243 0.46 12.90 7.47
C ALA B 243 -0.03 13.82 6.35
N GLU B 244 -1.23 13.57 5.84
CA GLU B 244 -1.79 14.38 4.77
C GLU B 244 -1.99 15.83 5.19
N MET B 245 -2.45 16.04 6.42
CA MET B 245 -2.68 17.38 6.92
C MET B 245 -1.37 18.15 7.07
N LYS B 246 -0.35 17.47 7.60
CA LYS B 246 0.95 18.09 7.79
C LYS B 246 1.58 18.54 6.47
N ALA B 247 1.45 17.68 5.46
CA ALA B 247 2.04 17.96 4.15
C ALA B 247 1.40 19.19 3.50
N LEU B 248 0.08 19.32 3.67
CA LEU B 248 -0.63 20.49 3.16
C LEU B 248 -0.09 21.76 3.79
N MET B 249 0.06 21.71 5.12
CA MET B 249 0.54 22.85 5.90
C MET B 249 1.96 23.24 5.51
N LEU B 250 2.84 22.26 5.37
CA LEU B 250 4.23 22.51 5.02
C LEU B 250 4.36 23.12 3.63
N ALA B 251 3.57 22.63 2.68
CA ALA B 251 3.62 23.13 1.31
C ALA B 251 3.09 24.55 1.22
N ALA B 252 2.13 24.88 2.08
CA ALA B 252 1.52 26.19 2.08
C ALA B 252 2.39 27.24 2.78
N ALA B 253 3.14 26.82 3.78
CA ALA B 253 3.96 27.73 4.57
C ALA B 253 5.28 28.09 3.88
N THR B 254 5.65 27.32 2.85
CA THR B 254 6.89 27.59 2.13
C THR B 254 6.65 28.43 0.88
N THR C 13 12.28 24.27 -19.51
CA THR C 13 11.40 23.35 -18.80
C THR C 13 12.21 22.42 -17.89
N ARG C 14 11.53 21.52 -17.19
CA ARG C 14 12.19 20.63 -16.24
C ARG C 14 12.95 19.53 -16.96
N ILE C 15 13.78 18.80 -16.20
CA ILE C 15 14.51 17.67 -16.71
C ILE C 15 13.53 16.54 -17.07
N LEU C 16 13.89 15.75 -18.08
CA LEU C 16 13.00 14.70 -18.58
C LEU C 16 13.57 13.30 -18.33
N LEU C 17 12.68 12.34 -18.13
CA LEU C 17 13.11 10.95 -17.98
C LEU C 17 12.63 10.07 -19.14
N GLY C 18 13.58 9.50 -19.86
CA GLY C 18 13.29 8.48 -20.85
C GLY C 18 13.65 7.12 -20.28
N VAL C 19 12.70 6.18 -20.31
CA VAL C 19 12.93 4.87 -19.76
C VAL C 19 13.26 3.86 -20.86
N ASN C 20 14.45 3.28 -20.77
CA ASN C 20 14.89 2.27 -21.73
C ASN C 20 14.48 0.89 -21.22
N ILE C 21 13.80 0.13 -22.08
CA ILE C 21 13.20 -1.14 -21.68
C ILE C 21 13.95 -2.36 -22.23
N ASP C 22 15.14 -2.14 -22.79
CA ASP C 22 15.87 -3.20 -23.47
C ASP C 22 16.05 -4.47 -22.64
N HIS C 23 16.38 -4.30 -21.36
CA HIS C 23 16.77 -5.43 -20.53
C HIS C 23 15.58 -6.18 -19.95
N VAL C 24 14.38 -5.69 -20.22
CA VAL C 24 13.18 -6.48 -19.99
C VAL C 24 13.21 -7.63 -21.00
N ALA C 25 13.61 -7.30 -22.23
CA ALA C 25 13.73 -8.29 -23.29
C ALA C 25 14.92 -9.22 -23.03
N THR C 26 15.95 -8.70 -22.36
CA THR C 26 17.10 -9.52 -21.96
C THR C 26 16.62 -10.70 -21.12
N LEU C 27 15.75 -10.41 -20.16
CA LEU C 27 15.19 -11.44 -19.30
C LEU C 27 14.31 -12.39 -20.09
N ARG C 28 13.62 -11.86 -21.09
CA ARG C 28 12.71 -12.66 -21.90
C ARG C 28 13.48 -13.61 -22.81
N GLN C 29 14.52 -13.10 -23.45
CA GLN C 29 15.30 -13.89 -24.40
C GLN C 29 16.09 -14.99 -23.71
N ALA C 30 16.27 -14.86 -22.40
CA ALA C 30 17.01 -15.85 -21.62
C ALA C 30 16.30 -17.20 -21.66
N ARG C 31 14.97 -17.19 -21.76
CA ARG C 31 14.19 -18.41 -21.76
C ARG C 31 13.37 -18.54 -23.04
N GLY C 32 13.37 -17.48 -23.84
CA GLY C 32 12.66 -17.48 -25.11
C GLY C 32 11.15 -17.58 -24.98
N THR C 33 10.61 -17.01 -23.90
CA THR C 33 9.18 -17.00 -23.68
C THR C 33 8.53 -15.74 -24.24
N ARG C 34 7.26 -15.53 -23.89
CA ARG C 34 6.55 -14.32 -24.27
C ARG C 34 6.73 -13.26 -23.18
N TYR C 35 7.02 -13.73 -21.98
CA TYR C 35 7.16 -12.87 -20.80
C TYR C 35 8.62 -12.83 -20.32
N PRO C 36 9.02 -11.72 -19.69
CA PRO C 36 8.24 -10.49 -19.49
C PRO C 36 8.17 -9.67 -20.76
N ASP C 37 7.03 -9.02 -21.00
CA ASP C 37 6.84 -8.23 -22.21
C ASP C 37 7.35 -6.81 -22.00
N PRO C 38 8.35 -6.41 -22.79
CA PRO C 38 8.88 -5.04 -22.74
C PRO C 38 7.79 -4.01 -23.07
N VAL C 39 6.79 -4.42 -23.84
CA VAL C 39 5.66 -3.57 -24.18
C VAL C 39 4.89 -3.21 -22.92
N LYS C 40 4.60 -4.23 -22.10
CA LYS C 40 3.88 -4.06 -20.84
C LYS C 40 4.68 -3.20 -19.88
N ALA C 41 6.00 -3.38 -19.86
CA ALA C 41 6.88 -2.59 -19.00
C ALA C 41 6.87 -1.13 -19.42
N ALA C 42 6.92 -0.89 -20.72
CA ALA C 42 6.87 0.47 -21.26
C ALA C 42 5.59 1.21 -20.85
N LEU C 43 4.46 0.51 -20.93
CA LEU C 43 3.17 1.11 -20.59
C LEU C 43 3.06 1.35 -19.09
N ASP C 44 3.67 0.49 -18.29
CA ASP C 44 3.72 0.69 -16.85
C ASP C 44 4.57 1.93 -16.55
N ALA C 45 5.65 2.08 -17.30
CA ALA C 45 6.56 3.21 -17.10
C ALA C 45 5.88 4.54 -17.42
N GLU C 46 5.13 4.58 -18.51
CA GLU C 46 4.41 5.79 -18.90
C GLU C 46 3.35 6.12 -17.85
N GLU C 47 2.64 5.09 -17.42
CA GLU C 47 1.60 5.21 -16.41
C GLU C 47 2.21 5.70 -15.09
N ALA C 48 3.49 5.40 -14.88
CA ALA C 48 4.19 5.81 -13.67
C ALA C 48 4.92 7.14 -13.83
N GLY C 49 4.76 7.79 -14.98
CA GLY C 49 5.28 9.13 -15.17
C GLY C 49 6.44 9.34 -16.13
N ALA C 50 6.88 8.28 -16.81
CA ALA C 50 7.95 8.40 -17.80
C ALA C 50 7.56 9.39 -18.89
N ASP C 51 8.53 10.16 -19.37
CA ASP C 51 8.27 11.19 -20.37
C ASP C 51 8.40 10.63 -21.78
N GLY C 52 9.12 9.52 -21.90
CA GLY C 52 9.28 8.82 -23.16
C GLY C 52 9.83 7.43 -22.95
N ILE C 53 9.68 6.58 -23.96
CA ILE C 53 10.19 5.22 -23.89
C ILE C 53 11.31 5.03 -24.90
N THR C 54 12.45 4.53 -24.42
CA THR C 54 13.60 4.33 -25.27
C THR C 54 13.74 2.84 -25.59
N VAL C 55 13.98 2.53 -26.85
CA VAL C 55 14.14 1.15 -27.29
C VAL C 55 15.25 1.05 -28.32
N HIS C 56 16.15 0.09 -28.10
CA HIS C 56 17.31 -0.11 -28.99
C HIS C 56 17.18 -1.45 -29.70
N LEU C 57 16.82 -1.40 -30.97
CA LEU C 57 16.79 -2.60 -31.80
C LEU C 57 18.16 -2.84 -32.40
N ARG C 58 18.86 -3.85 -31.89
CA ARG C 58 20.21 -4.13 -32.36
C ARG C 58 20.16 -4.99 -33.61
N GLU C 59 21.20 -4.90 -34.43
CA GLU C 59 21.30 -5.70 -35.63
C GLU C 59 21.40 -7.19 -35.28
N ASP C 60 22.15 -7.49 -34.23
CA ASP C 60 22.33 -8.87 -33.79
C ASP C 60 21.09 -9.40 -33.06
N ARG C 61 20.11 -8.52 -32.87
CA ARG C 61 18.85 -8.85 -32.19
C ARG C 61 19.08 -9.50 -30.82
N ARG C 62 19.98 -8.88 -30.05
CA ARG C 62 20.36 -9.39 -28.74
C ARG C 62 19.21 -9.48 -27.76
N HIS C 63 18.42 -8.43 -27.68
CA HIS C 63 17.26 -8.42 -26.81
C HIS C 63 15.97 -8.07 -27.55
N ILE C 64 15.81 -6.78 -27.82
CA ILE C 64 14.62 -6.25 -28.49
C ILE C 64 14.47 -6.82 -29.90
N GLN C 65 13.24 -7.16 -30.27
CA GLN C 65 12.95 -7.66 -31.60
C GLN C 65 12.13 -6.65 -32.40
N GLU C 66 11.94 -6.93 -33.68
CA GLU C 66 11.14 -6.08 -34.56
C GLU C 66 9.70 -6.02 -34.04
N ARG C 67 9.23 -7.15 -33.50
CA ARG C 67 7.92 -7.28 -32.90
C ARG C 67 7.71 -6.22 -31.82
N ASP C 68 8.71 -6.05 -30.98
CA ASP C 68 8.65 -5.13 -29.86
C ASP C 68 8.45 -3.69 -30.34
N VAL C 69 9.25 -3.28 -31.31
CA VAL C 69 9.23 -1.91 -31.80
C VAL C 69 7.89 -1.59 -32.48
N ARG C 70 7.39 -2.52 -33.29
CA ARG C 70 6.14 -2.29 -34.02
C ARG C 70 4.92 -2.22 -33.10
N VAL C 71 4.88 -3.09 -32.09
CA VAL C 71 3.79 -3.09 -31.13
C VAL C 71 3.83 -1.84 -30.26
N LEU C 72 5.03 -1.45 -29.84
CA LEU C 72 5.22 -0.22 -29.06
C LEU C 72 4.60 0.99 -29.76
N LYS C 73 4.84 1.07 -31.07
CA LYS C 73 4.32 2.16 -31.90
C LYS C 73 2.80 2.27 -31.77
N GLU C 74 2.13 1.13 -31.63
CA GLU C 74 0.68 1.10 -31.57
C GLU C 74 0.12 1.46 -30.19
N VAL C 75 0.95 1.37 -29.15
CA VAL C 75 0.43 1.50 -27.78
C VAL C 75 0.99 2.68 -26.99
N LEU C 76 2.13 3.22 -27.42
CA LEU C 76 2.78 4.29 -26.65
C LEU C 76 1.89 5.52 -26.49
N GLN C 77 1.80 6.01 -25.25
CA GLN C 77 1.00 7.18 -24.93
C GLN C 77 1.84 8.46 -24.98
N THR C 78 3.16 8.29 -24.98
CA THR C 78 4.07 9.43 -24.98
C THR C 78 4.80 9.57 -26.31
N ARG C 79 6.00 9.01 -26.39
CA ARG C 79 6.81 9.10 -27.60
C ARG C 79 7.91 8.04 -27.58
N MET C 80 8.31 7.59 -28.76
CA MET C 80 9.37 6.59 -28.86
C MET C 80 10.74 7.23 -29.09
N ASN C 81 11.75 6.74 -28.39
CA ASN C 81 13.12 7.10 -28.67
C ASN C 81 13.83 5.88 -29.22
N PHE C 82 13.94 5.82 -30.54
CA PHE C 82 14.45 4.64 -31.22
C PHE C 82 15.96 4.68 -31.38
N GLU C 83 16.66 3.87 -30.60
CA GLU C 83 18.11 3.78 -30.69
C GLU C 83 18.48 2.74 -31.75
N MET C 84 19.44 3.10 -32.60
CA MET C 84 19.80 2.24 -33.73
C MET C 84 21.22 2.45 -34.21
N GLY C 85 21.79 1.41 -34.80
CA GLY C 85 23.04 1.55 -35.52
C GLY C 85 22.73 1.95 -36.95
N VAL C 86 23.59 2.77 -37.55
CA VAL C 86 23.34 3.30 -38.88
C VAL C 86 23.65 2.29 -39.98
N THR C 87 22.60 1.64 -40.49
CA THR C 87 22.70 0.81 -41.67
C THR C 87 21.51 1.14 -42.57
N GLU C 88 21.59 0.75 -43.85
CA GLU C 88 20.51 1.03 -44.77
C GLU C 88 19.23 0.31 -44.36
N GLU C 89 19.37 -0.94 -43.92
CA GLU C 89 18.22 -1.73 -43.49
C GLU C 89 17.54 -1.10 -42.28
N MET C 90 18.33 -0.64 -41.32
CA MET C 90 17.79 -0.05 -40.11
C MET C 90 17.28 1.36 -40.35
N LEU C 91 17.96 2.10 -41.22
CA LEU C 91 17.54 3.45 -41.57
C LEU C 91 16.18 3.40 -42.28
N ALA C 92 16.03 2.45 -43.20
CA ALA C 92 14.79 2.26 -43.93
C ALA C 92 13.66 1.83 -42.98
N PHE C 93 13.99 0.97 -42.03
CA PHE C 93 13.04 0.50 -41.03
C PHE C 93 12.50 1.66 -40.20
N ALA C 94 13.40 2.54 -39.79
CA ALA C 94 13.03 3.71 -39.00
C ALA C 94 12.14 4.66 -39.79
N GLU C 95 12.39 4.74 -41.10
CA GLU C 95 11.60 5.61 -41.97
C GLU C 95 10.15 5.12 -42.06
N GLU C 96 9.94 3.82 -41.87
CA GLU C 96 8.59 3.26 -41.80
C GLU C 96 7.98 3.50 -40.42
N ILE C 97 8.75 3.20 -39.38
CA ILE C 97 8.29 3.31 -38.01
C ILE C 97 8.00 4.76 -37.67
N ARG C 98 8.84 5.66 -38.18
CA ARG C 98 8.73 7.10 -37.92
C ARG C 98 8.70 7.42 -36.43
N PRO C 99 9.78 7.10 -35.70
CA PRO C 99 9.79 7.40 -34.27
C PRO C 99 9.88 8.90 -34.02
N ALA C 100 9.28 9.37 -32.93
CA ALA C 100 9.32 10.79 -32.60
C ALA C 100 10.76 11.21 -32.34
N HIS C 101 11.47 10.37 -31.61
CA HIS C 101 12.89 10.58 -31.33
C HIS C 101 13.69 9.37 -31.78
N SER C 102 14.93 9.61 -32.18
CA SER C 102 15.84 8.54 -32.55
C SER C 102 17.24 8.87 -32.04
N CYS C 103 18.04 7.83 -31.80
CA CYS C 103 19.39 8.03 -31.30
C CYS C 103 20.36 7.08 -32.00
N LEU C 104 21.38 7.65 -32.63
CA LEU C 104 22.33 6.86 -33.38
C LEU C 104 23.44 6.35 -32.47
N VAL C 105 23.57 5.03 -32.39
CA VAL C 105 24.54 4.41 -31.49
C VAL C 105 25.52 3.56 -32.28
N PRO C 106 26.71 3.33 -31.73
CA PRO C 106 27.68 2.43 -32.36
C PRO C 106 27.40 0.96 -32.03
N GLU C 107 27.54 0.09 -33.03
CA GLU C 107 27.37 -1.34 -32.82
C GLU C 107 28.57 -2.12 -33.32
N ARG C 108 29.26 -1.56 -34.32
CA ARG C 108 30.40 -2.23 -34.92
C ARG C 108 31.72 -1.60 -34.46
N ARG C 109 32.80 -2.36 -34.61
CA ARG C 109 34.11 -1.96 -34.10
C ARG C 109 34.64 -0.68 -34.76
N GLU C 110 34.31 -0.48 -36.02
CA GLU C 110 34.86 0.64 -36.80
C GLU C 110 34.24 1.97 -36.39
N GLU C 111 33.04 1.93 -35.81
CA GLU C 111 32.34 3.15 -35.42
C GLU C 111 32.43 3.40 -33.92
N LEU C 112 33.07 2.47 -33.21
CA LEU C 112 33.27 2.63 -31.76
C LEU C 112 34.55 3.39 -31.44
N THR C 113 34.45 4.35 -30.52
CA THR C 113 35.63 4.98 -29.94
C THR C 113 36.08 4.13 -28.76
N THR C 114 37.22 4.49 -28.17
CA THR C 114 37.73 3.77 -27.02
C THR C 114 36.80 3.88 -25.82
N GLU C 115 36.22 5.06 -25.64
CA GLU C 115 35.35 5.31 -24.50
C GLU C 115 34.00 4.62 -24.66
N GLY C 116 33.59 4.41 -25.90
CA GLY C 116 32.36 3.68 -26.17
C GLY C 116 31.31 4.43 -26.97
N GLY C 117 31.52 5.73 -27.13
CA GLY C 117 30.60 6.55 -27.92
C GLY C 117 30.76 6.39 -29.41
N LEU C 118 29.81 6.94 -30.17
CA LEU C 118 29.85 6.91 -31.62
C LEU C 118 30.91 7.87 -32.16
N ASP C 119 31.75 7.38 -33.07
CA ASP C 119 32.80 8.19 -33.68
C ASP C 119 32.21 9.05 -34.79
N VAL C 120 31.54 10.14 -34.40
CA VAL C 120 30.91 11.03 -35.36
C VAL C 120 31.98 11.72 -36.21
N ALA C 121 33.05 12.17 -35.57
CA ALA C 121 34.14 12.83 -36.27
C ALA C 121 34.77 11.91 -37.32
N GLY C 122 34.86 10.63 -36.98
CA GLY C 122 35.40 9.62 -37.88
C GLY C 122 34.45 9.15 -38.95
N GLN C 123 33.16 9.41 -38.74
CA GLN C 123 32.11 8.91 -39.63
C GLN C 123 31.18 10.05 -40.00
N GLU C 124 31.75 11.21 -40.29
CA GLU C 124 30.99 12.45 -40.44
C GLU C 124 29.92 12.44 -41.54
N GLN C 125 30.26 11.94 -42.71
CA GLN C 125 29.33 11.98 -43.83
C GLN C 125 28.25 10.91 -43.74
N ARG C 126 28.63 9.73 -43.23
CA ARG C 126 27.70 8.64 -43.04
C ARG C 126 26.59 9.02 -42.05
N ILE C 127 26.99 9.69 -40.97
CA ILE C 127 26.04 10.11 -39.95
C ILE C 127 25.17 11.26 -40.44
N ARG C 128 25.77 12.18 -41.17
CA ARG C 128 25.06 13.34 -41.71
C ARG C 128 23.89 12.90 -42.59
N ASP C 129 24.12 11.89 -43.40
CA ASP C 129 23.09 11.33 -44.27
C ASP C 129 21.97 10.69 -43.45
N ALA C 130 22.36 9.97 -42.40
CA ALA C 130 21.40 9.32 -41.50
C ALA C 130 20.53 10.35 -40.79
N VAL C 131 21.16 11.41 -40.30
CA VAL C 131 20.47 12.49 -39.61
C VAL C 131 19.44 13.12 -40.54
N ARG C 132 19.85 13.36 -41.79
CA ARG C 132 18.97 13.97 -42.78
C ARG C 132 17.75 13.10 -43.06
N ARG C 133 17.99 11.80 -43.26
CA ARG C 133 16.93 10.87 -43.61
C ARG C 133 15.89 10.73 -42.49
N LEU C 134 16.37 10.64 -41.25
CA LEU C 134 15.48 10.50 -40.11
C LEU C 134 14.70 11.79 -39.85
N ALA C 135 15.36 12.92 -40.03
CA ALA C 135 14.72 14.23 -39.85
C ALA C 135 13.61 14.42 -40.88
N ALA C 136 13.81 13.88 -42.08
CA ALA C 136 12.83 13.98 -43.15
C ALA C 136 11.57 13.17 -42.82
N VAL C 137 11.67 12.30 -41.83
CA VAL C 137 10.54 11.45 -41.45
C VAL C 137 9.86 12.06 -40.21
N GLY C 138 10.48 13.10 -39.67
CA GLY C 138 9.90 13.86 -38.57
C GLY C 138 10.52 13.56 -37.22
N SER C 139 11.60 12.78 -37.23
CA SER C 139 12.26 12.34 -36.01
C SER C 139 13.31 13.33 -35.51
N GLU C 140 13.30 13.59 -34.21
CA GLU C 140 14.37 14.37 -33.59
C GLU C 140 15.54 13.43 -33.34
N VAL C 141 16.65 13.68 -34.03
CA VAL C 141 17.77 12.75 -34.01
C VAL C 141 18.77 13.12 -32.93
N SER C 142 19.20 12.13 -32.17
CA SER C 142 20.23 12.32 -31.15
C SER C 142 21.46 11.49 -31.48
N LEU C 143 22.63 11.96 -31.07
CA LEU C 143 23.85 11.20 -31.28
C LEU C 143 24.48 10.78 -29.96
N PHE C 144 24.68 9.47 -29.78
CA PHE C 144 25.30 8.96 -28.57
C PHE C 144 26.82 9.11 -28.66
N ILE C 145 27.36 10.12 -27.99
CA ILE C 145 28.77 10.44 -28.10
C ILE C 145 29.45 10.55 -26.74
N ASP C 146 30.77 10.50 -26.76
CA ASP C 146 31.56 10.75 -25.56
C ASP C 146 31.49 12.22 -25.16
N PRO C 147 31.72 12.52 -23.87
CA PRO C 147 31.84 13.92 -23.46
C PRO C 147 33.17 14.53 -23.91
N ASP C 148 33.40 14.48 -25.23
CA ASP C 148 34.64 14.92 -25.85
C ASP C 148 34.32 16.10 -26.76
N PRO C 149 34.99 17.24 -26.52
CA PRO C 149 34.81 18.47 -27.32
C PRO C 149 34.84 18.24 -28.83
N ARG C 150 35.71 17.35 -29.28
CA ARG C 150 35.84 17.08 -30.71
C ARG C 150 34.59 16.39 -31.27
N GLN C 151 34.06 15.42 -30.54
CA GLN C 151 32.88 14.68 -30.98
C GLN C 151 31.63 15.55 -30.89
N ILE C 152 31.59 16.42 -29.88
CA ILE C 152 30.46 17.33 -29.68
C ILE C 152 30.39 18.31 -30.84
N GLU C 153 31.55 18.82 -31.24
CA GLU C 153 31.64 19.80 -32.31
C GLU C 153 31.29 19.18 -33.66
N ALA C 154 31.69 17.92 -33.85
CA ALA C 154 31.34 17.18 -35.06
C ALA C 154 29.83 16.97 -35.17
N SER C 155 29.20 16.66 -34.05
CA SER C 155 27.76 16.42 -33.98
C SER C 155 26.96 17.65 -34.44
N ALA C 156 27.46 18.82 -34.10
CA ALA C 156 26.82 20.07 -34.51
C ALA C 156 26.89 20.24 -36.02
N ARG C 157 28.02 19.86 -36.61
CA ARG C 157 28.22 19.99 -38.04
C ARG C 157 27.27 19.12 -38.86
N VAL C 158 27.00 17.90 -38.40
CA VAL C 158 26.20 16.96 -39.19
C VAL C 158 24.71 17.27 -39.10
N GLY C 159 24.35 18.26 -38.29
CA GLY C 159 22.98 18.76 -38.26
C GLY C 159 22.04 18.07 -37.30
N ALA C 160 22.57 17.28 -36.38
CA ALA C 160 21.75 16.65 -35.36
C ALA C 160 21.28 17.68 -34.34
N PRO C 161 19.97 17.67 -34.01
CA PRO C 161 19.44 18.62 -33.03
C PRO C 161 19.89 18.32 -31.60
N ALA C 162 20.28 17.08 -31.33
CA ALA C 162 20.58 16.67 -29.96
C ALA C 162 21.76 15.70 -29.87
N ILE C 163 22.37 15.65 -28.69
CA ILE C 163 23.40 14.66 -28.39
C ILE C 163 23.09 14.01 -27.05
N GLU C 164 23.48 12.75 -26.90
CA GLU C 164 23.41 12.09 -25.61
C GLU C 164 24.82 11.74 -25.14
N LEU C 165 25.24 12.34 -24.03
CA LEU C 165 26.59 12.16 -23.53
C LEU C 165 26.76 10.81 -22.81
N HIS C 166 27.86 10.13 -23.14
CA HIS C 166 28.20 8.84 -22.55
C HIS C 166 28.66 9.03 -21.09
N THR C 167 27.77 8.71 -20.16
CA THR C 167 28.08 8.87 -18.73
C THR C 167 28.62 7.59 -18.12
N GLY C 168 29.08 6.68 -18.96
CA GLY C 168 29.61 5.40 -18.52
C GLY C 168 30.83 5.50 -17.62
N ARG C 169 31.78 6.35 -18.00
CA ARG C 169 33.01 6.50 -17.22
C ARG C 169 32.75 7.13 -15.86
N TYR C 170 31.76 8.02 -15.81
CA TYR C 170 31.36 8.62 -14.54
C TYR C 170 30.74 7.56 -13.64
N ALA C 171 29.88 6.73 -14.23
CA ALA C 171 29.18 5.70 -13.47
C ALA C 171 30.10 4.58 -13.00
N ASP C 172 31.15 4.30 -13.76
CA ASP C 172 32.03 3.18 -13.41
C ASP C 172 33.14 3.63 -12.48
N ALA C 173 33.20 4.92 -12.20
CA ALA C 173 34.25 5.44 -11.34
C ALA C 173 34.09 4.93 -9.92
N GLU C 174 35.16 4.35 -9.38
CA GLU C 174 35.14 3.81 -8.02
C GLU C 174 35.66 4.87 -7.06
N ASP C 175 36.65 5.63 -7.53
CA ASP C 175 37.31 6.63 -6.70
C ASP C 175 36.56 7.95 -6.80
N PRO C 176 36.37 8.62 -5.65
CA PRO C 176 35.71 9.92 -5.57
C PRO C 176 36.39 10.99 -6.40
N GLU C 177 37.72 10.98 -6.42
CA GLU C 177 38.49 11.92 -7.22
C GLU C 177 38.26 11.64 -8.70
N GLU C 178 38.28 10.36 -9.07
CA GLU C 178 38.02 9.97 -10.45
C GLU C 178 36.60 10.34 -10.86
N GLN C 179 35.65 10.13 -9.96
CA GLN C 179 34.25 10.40 -10.27
C GLN C 179 34.01 11.90 -10.46
N ALA C 180 34.71 12.70 -9.66
CA ALA C 180 34.62 14.15 -9.77
C ALA C 180 35.15 14.64 -11.12
N ARG C 181 36.24 14.03 -11.57
CA ARG C 181 36.84 14.40 -12.84
C ARG C 181 35.91 14.09 -14.02
N GLU C 182 35.32 12.90 -14.01
CA GLU C 182 34.42 12.48 -15.08
C GLU C 182 33.12 13.28 -15.07
N LEU C 183 32.67 13.67 -13.87
CA LEU C 183 31.48 14.51 -13.76
C LEU C 183 31.75 15.89 -14.35
N GLN C 184 32.99 16.35 -14.20
CA GLN C 184 33.41 17.64 -14.74
C GLN C 184 33.44 17.60 -16.26
N ARG C 185 33.81 16.46 -16.83
CA ARG C 185 33.79 16.26 -18.28
C ARG C 185 32.38 16.39 -18.84
N VAL C 186 31.43 15.75 -18.15
CA VAL C 186 30.03 15.80 -18.56
C VAL C 186 29.52 17.23 -18.48
N ARG C 187 29.88 17.92 -17.41
CA ARG C 187 29.46 19.30 -17.18
C ARG C 187 29.94 20.19 -18.32
N GLU C 188 31.21 20.01 -18.70
CA GLU C 188 31.80 20.76 -19.80
C GLU C 188 31.18 20.33 -21.12
N GLY C 189 30.81 19.06 -21.21
CA GLY C 189 30.12 18.54 -22.37
C GLY C 189 28.78 19.23 -22.59
N VAL C 190 28.04 19.40 -21.49
CA VAL C 190 26.75 20.06 -21.54
C VAL C 190 26.91 21.52 -21.97
N ALA C 191 27.85 22.21 -21.35
CA ALA C 191 28.09 23.61 -21.65
C ALA C 191 28.46 23.84 -23.11
N LEU C 192 29.35 22.99 -23.62
CA LEU C 192 29.81 23.11 -25.00
C LEU C 192 28.68 22.81 -25.98
N GLY C 193 27.93 21.76 -25.71
CA GLY C 193 26.83 21.37 -26.56
C GLY C 193 25.78 22.46 -26.70
N ARG C 194 25.40 23.05 -25.58
CA ARG C 194 24.39 24.10 -25.58
C ARG C 194 24.90 25.38 -26.24
N SER C 195 26.21 25.60 -26.18
CA SER C 195 26.82 26.77 -26.81
C SER C 195 26.71 26.66 -28.33
N LEU C 196 26.68 25.42 -28.82
CA LEU C 196 26.52 25.16 -30.25
C LEU C 196 25.04 24.98 -30.61
N GLY C 197 24.16 25.23 -29.65
CA GLY C 197 22.73 25.14 -29.88
C GLY C 197 22.16 23.73 -29.83
N LEU C 198 22.92 22.82 -29.26
CA LEU C 198 22.49 21.42 -29.17
C LEU C 198 21.65 21.15 -27.92
N ILE C 199 20.72 20.21 -28.05
CA ILE C 199 20.02 19.66 -26.91
C ILE C 199 20.89 18.55 -26.33
N VAL C 200 21.11 18.56 -25.02
CA VAL C 200 22.04 17.61 -24.41
C VAL C 200 21.35 16.63 -23.46
N ASN C 201 21.50 15.35 -23.78
CA ASN C 201 20.97 14.27 -22.94
C ASN C 201 22.12 13.47 -22.35
N ALA C 202 21.77 12.55 -21.45
CA ALA C 202 22.72 11.60 -20.88
C ALA C 202 21.93 10.42 -20.34
N GLY C 203 22.58 9.56 -19.57
CA GLY C 203 21.84 8.52 -18.87
C GLY C 203 22.47 7.14 -18.76
N HIS C 204 23.39 6.83 -19.65
CA HIS C 204 23.97 5.48 -19.68
C HIS C 204 24.73 5.17 -18.40
N GLY C 205 24.41 4.02 -17.81
CA GLY C 205 25.09 3.55 -16.61
C GLY C 205 24.63 4.19 -15.31
N LEU C 206 23.78 5.20 -15.41
CA LEU C 206 23.32 5.91 -14.21
C LEU C 206 22.37 5.04 -13.39
N HIS C 207 22.52 5.11 -12.07
CA HIS C 207 21.63 4.39 -11.16
C HIS C 207 21.22 5.29 -9.99
N TYR C 208 20.53 4.70 -9.02
CA TYR C 208 19.88 5.47 -7.96
C TYR C 208 20.84 6.11 -6.96
N HIS C 209 22.13 5.83 -7.07
CA HIS C 209 23.08 6.39 -6.13
C HIS C 209 24.14 7.27 -6.79
N ASN C 210 24.05 7.45 -8.11
CA ASN C 210 24.95 8.37 -8.81
C ASN C 210 24.24 9.30 -9.78
N VAL C 211 22.92 9.17 -9.89
CA VAL C 211 22.15 9.96 -10.87
C VAL C 211 22.06 11.43 -10.49
N GLU C 212 21.95 11.72 -9.20
CA GLU C 212 21.65 13.07 -8.72
C GLU C 212 22.67 14.14 -9.14
N PRO C 213 23.98 13.87 -9.01
CA PRO C 213 24.93 14.91 -9.45
C PRO C 213 24.82 15.25 -10.94
N VAL C 214 24.41 14.28 -11.75
CA VAL C 214 24.26 14.50 -13.19
C VAL C 214 22.99 15.30 -13.46
N ALA C 215 21.91 14.97 -12.76
CA ALA C 215 20.64 15.65 -12.93
C ALA C 215 20.72 17.10 -12.47
N ALA C 216 21.70 17.40 -11.62
CA ALA C 216 21.87 18.74 -11.09
C ALA C 216 22.53 19.68 -12.08
N ILE C 217 23.12 19.12 -13.13
CA ILE C 217 23.81 19.93 -14.13
C ILE C 217 22.82 20.77 -14.92
N ASP C 218 23.08 22.07 -14.98
CA ASP C 218 22.23 22.99 -15.73
C ASP C 218 22.30 22.71 -17.22
N GLY C 219 21.14 22.59 -17.85
CA GLY C 219 21.06 22.39 -19.28
C GLY C 219 20.89 20.95 -19.73
N ILE C 220 21.00 20.01 -18.81
CA ILE C 220 20.69 18.62 -19.12
C ILE C 220 19.21 18.55 -19.48
N ASN C 221 18.90 17.98 -20.64
CA ASN C 221 17.53 17.93 -21.13
C ASN C 221 16.80 16.70 -20.63
N GLU C 222 17.27 15.53 -21.05
CA GLU C 222 16.62 14.28 -20.70
C GLU C 222 17.65 13.23 -20.31
N LEU C 223 17.37 12.47 -19.26
CA LEU C 223 18.22 11.32 -18.93
C LEU C 223 17.55 10.04 -19.41
N ASN C 224 18.28 9.29 -20.24
CA ASN C 224 17.81 8.01 -20.72
C ASN C 224 18.43 6.89 -19.89
N ILE C 225 17.63 6.31 -19.01
CA ILE C 225 18.12 5.29 -18.09
C ILE C 225 17.35 3.99 -18.32
N GLY C 226 18.08 2.88 -18.37
CA GLY C 226 17.47 1.59 -18.64
C GLY C 226 17.77 0.52 -17.61
N HIS C 227 18.99 -0.02 -17.67
CA HIS C 227 19.38 -1.18 -16.89
C HIS C 227 19.12 -1.04 -15.39
N ALA C 228 19.52 0.09 -14.81
CA ALA C 228 19.36 0.32 -13.38
C ALA C 228 17.90 0.33 -12.95
N ILE C 229 17.03 0.88 -13.79
CA ILE C 229 15.60 0.93 -13.48
C ILE C 229 15.03 -0.48 -13.53
N VAL C 230 15.43 -1.26 -14.54
CA VAL C 230 14.98 -2.63 -14.68
C VAL C 230 15.45 -3.45 -13.48
N ALA C 231 16.71 -3.24 -13.10
CA ALA C 231 17.29 -3.94 -11.95
C ALA C 231 16.52 -3.62 -10.66
N HIS C 232 16.22 -2.34 -10.46
CA HIS C 232 15.52 -1.89 -9.27
C HIS C 232 14.07 -2.39 -9.29
N ALA C 233 13.50 -2.49 -10.49
CA ALA C 233 12.13 -2.95 -10.66
C ALA C 233 11.94 -4.38 -10.15
N LEU C 234 13.01 -5.17 -10.16
CA LEU C 234 12.97 -6.52 -9.63
C LEU C 234 12.56 -6.56 -8.16
N PHE C 235 12.79 -5.46 -7.44
CA PHE C 235 12.53 -5.44 -6.01
C PHE C 235 11.26 -4.68 -5.63
N VAL C 236 10.96 -3.59 -6.33
CA VAL C 236 9.83 -2.75 -5.97
C VAL C 236 8.78 -2.68 -7.08
N GLY C 237 9.10 -3.18 -8.26
CA GLY C 237 8.18 -3.12 -9.38
C GLY C 237 8.51 -1.96 -10.30
N PHE C 238 8.17 -2.11 -11.58
CA PHE C 238 8.53 -1.14 -12.60
C PHE C 238 7.90 0.23 -12.35
N ARG C 239 6.63 0.23 -11.97
CA ARG C 239 5.90 1.47 -11.72
C ARG C 239 6.55 2.28 -10.60
N GLN C 240 6.95 1.61 -9.54
CA GLN C 240 7.58 2.29 -8.41
C GLN C 240 9.01 2.67 -8.74
N ALA C 241 9.69 1.84 -9.53
CA ALA C 241 11.06 2.08 -9.94
C ALA C 241 11.17 3.33 -10.81
N VAL C 242 10.23 3.48 -11.73
CA VAL C 242 10.22 4.63 -12.63
C VAL C 242 9.92 5.91 -11.85
N ALA C 243 8.92 5.85 -10.98
CA ALA C 243 8.52 7.01 -10.19
C ALA C 243 9.65 7.47 -9.26
N GLU C 244 10.31 6.51 -8.61
CA GLU C 244 11.40 6.82 -7.69
C GLU C 244 12.57 7.50 -8.40
N MET C 245 12.92 7.02 -9.59
CA MET C 245 14.03 7.60 -10.35
C MET C 245 13.69 9.01 -10.78
N LYS C 246 12.46 9.21 -11.25
CA LYS C 246 12.01 10.53 -11.69
C LYS C 246 12.03 11.52 -10.54
N ALA C 247 11.61 11.07 -9.36
CA ALA C 247 11.55 11.94 -8.19
C ALA C 247 12.95 12.40 -7.78
N LEU C 248 13.92 11.50 -7.89
CA LEU C 248 15.31 11.83 -7.62
C LEU C 248 15.81 12.93 -8.55
N MET C 249 15.54 12.76 -9.83
CA MET C 249 15.96 13.69 -10.86
C MET C 249 15.36 15.09 -10.69
N LEU C 250 14.05 15.14 -10.42
CA LEU C 250 13.36 16.42 -10.26
C LEU C 250 13.88 17.20 -9.05
N ALA C 251 14.11 16.48 -7.95
CA ALA C 251 14.61 17.12 -6.73
C ALA C 251 16.04 17.62 -6.89
N ALA C 252 16.83 16.92 -7.69
CA ALA C 252 18.22 17.29 -7.89
C ALA C 252 18.35 18.44 -8.88
N ALA C 253 17.43 18.49 -9.84
CA ALA C 253 17.46 19.54 -10.86
C ALA C 253 16.86 20.84 -10.33
N THR C 254 16.17 20.74 -9.20
CA THR C 254 15.55 21.90 -8.57
C THR C 254 16.55 22.66 -7.71
N THR D 13 3.62 -32.47 5.09
CA THR D 13 3.13 -31.10 5.19
C THR D 13 2.61 -30.60 3.85
N ARG D 14 2.39 -29.29 3.76
CA ARG D 14 1.83 -28.65 2.57
C ARG D 14 2.84 -28.63 1.43
N ILE D 15 2.37 -28.24 0.25
CA ILE D 15 3.26 -28.10 -0.90
C ILE D 15 4.27 -27.00 -0.61
N LEU D 16 5.48 -27.15 -1.15
CA LEU D 16 6.56 -26.23 -0.85
C LEU D 16 6.99 -25.43 -2.08
N LEU D 17 7.44 -24.20 -1.84
CA LEU D 17 7.95 -23.36 -2.91
C LEU D 17 9.44 -23.09 -2.76
N GLY D 18 10.21 -23.53 -3.74
CA GLY D 18 11.61 -23.17 -3.84
C GLY D 18 11.78 -22.13 -4.92
N VAL D 19 12.40 -21.00 -4.57
CA VAL D 19 12.58 -19.92 -5.54
C VAL D 19 13.99 -19.91 -6.10
N ASN D 20 14.08 -20.08 -7.42
CA ASN D 20 15.36 -20.03 -8.11
C ASN D 20 15.66 -18.59 -8.51
N ILE D 21 16.84 -18.10 -8.15
CA ILE D 21 17.18 -16.70 -8.36
C ILE D 21 18.28 -16.51 -9.40
N ASP D 22 18.44 -17.50 -10.29
CA ASP D 22 19.49 -17.46 -11.30
C ASP D 22 19.37 -16.25 -12.23
N HIS D 23 18.15 -15.95 -12.66
CA HIS D 23 17.94 -14.97 -13.70
C HIS D 23 17.95 -13.54 -13.16
N VAL D 24 18.07 -13.42 -11.84
CA VAL D 24 18.40 -12.13 -11.26
C VAL D 24 19.85 -11.84 -11.64
N ALA D 25 20.68 -12.87 -11.56
CA ALA D 25 22.09 -12.75 -11.94
C ALA D 25 22.24 -12.57 -13.44
N THR D 26 21.30 -13.12 -14.20
CA THR D 26 21.27 -12.92 -15.65
C THR D 26 21.23 -11.43 -15.96
N LEU D 27 20.35 -10.72 -15.26
CA LEU D 27 20.19 -9.29 -15.45
C LEU D 27 21.45 -8.54 -15.00
N ARG D 28 22.13 -9.10 -14.01
CA ARG D 28 23.36 -8.51 -13.48
C ARG D 28 24.49 -8.63 -14.49
N GLN D 29 24.64 -9.82 -15.08
CA GLN D 29 25.73 -10.10 -16.01
C GLN D 29 25.60 -9.31 -17.31
N ALA D 30 24.41 -8.81 -17.58
CA ALA D 30 24.16 -8.04 -18.80
C ALA D 30 24.99 -6.75 -18.85
N ARG D 31 25.24 -6.17 -17.70
CA ARG D 31 25.96 -4.90 -17.62
C ARG D 31 27.24 -4.99 -16.79
N GLY D 32 27.44 -6.13 -16.15
CA GLY D 32 28.63 -6.35 -15.33
C GLY D 32 28.72 -5.46 -14.09
N THR D 33 27.57 -5.13 -13.53
CA THR D 33 27.52 -4.33 -12.30
C THR D 33 27.34 -5.23 -11.08
N ARG D 34 27.18 -4.62 -9.91
CA ARG D 34 26.96 -5.39 -8.69
C ARG D 34 25.46 -5.63 -8.50
N TYR D 35 24.65 -4.89 -9.25
CA TYR D 35 23.20 -4.97 -9.13
C TYR D 35 22.57 -5.47 -10.44
N PRO D 36 21.42 -6.15 -10.35
CA PRO D 36 20.73 -6.54 -9.12
C PRO D 36 21.38 -7.74 -8.45
N ASP D 37 21.42 -7.74 -7.13
CA ASP D 37 22.07 -8.82 -6.40
C ASP D 37 21.08 -9.96 -6.15
N PRO D 38 21.37 -11.15 -6.70
CA PRO D 38 20.55 -12.33 -6.45
C PRO D 38 20.48 -12.68 -4.97
N VAL D 39 21.50 -12.29 -4.20
CA VAL D 39 21.53 -12.49 -2.76
C VAL D 39 20.40 -11.70 -2.11
N LYS D 40 20.27 -10.44 -2.52
CA LYS D 40 19.21 -9.55 -2.05
C LYS D 40 17.83 -10.09 -2.44
N ALA D 41 17.75 -10.66 -3.64
CA ALA D 41 16.51 -11.25 -4.13
C ALA D 41 16.15 -12.49 -3.32
N ALA D 42 17.15 -13.31 -3.01
CA ALA D 42 16.96 -14.50 -2.20
C ALA D 42 16.40 -14.16 -0.82
N LEU D 43 16.95 -13.11 -0.22
CA LEU D 43 16.54 -12.69 1.12
C LEU D 43 15.12 -12.12 1.10
N ASP D 44 14.77 -11.47 0.00
CA ASP D 44 13.41 -10.97 -0.19
C ASP D 44 12.42 -12.11 -0.29
N ALA D 45 12.82 -13.16 -1.02
CA ALA D 45 11.96 -14.32 -1.24
C ALA D 45 11.63 -15.06 0.06
N GLU D 46 12.64 -15.24 0.90
CA GLU D 46 12.45 -15.92 2.18
C GLU D 46 11.51 -15.10 3.05
N GLU D 47 11.74 -13.79 3.06
CA GLU D 47 10.93 -12.84 3.80
C GLU D 47 9.49 -12.87 3.28
N ALA D 48 9.33 -13.22 2.00
CA ALA D 48 8.01 -13.27 1.39
C ALA D 48 7.39 -14.66 1.47
N GLY D 49 8.06 -15.60 2.13
CA GLY D 49 7.47 -16.89 2.40
C GLY D 49 8.04 -18.09 1.65
N ALA D 50 9.08 -17.88 0.85
CA ALA D 50 9.71 -18.99 0.14
C ALA D 50 10.22 -20.04 1.14
N ASP D 51 10.10 -21.31 0.77
CA ASP D 51 10.48 -22.40 1.67
C ASP D 51 11.95 -22.77 1.49
N GLY D 52 12.50 -22.39 0.34
CA GLY D 52 13.91 -22.61 0.07
C GLY D 52 14.37 -21.77 -1.10
N ILE D 53 15.69 -21.61 -1.23
CA ILE D 53 16.25 -20.85 -2.33
C ILE D 53 17.08 -21.76 -3.22
N THR D 54 16.80 -21.73 -4.53
CA THR D 54 17.49 -22.58 -5.47
C THR D 54 18.51 -21.75 -6.27
N VAL D 55 19.71 -22.29 -6.42
CA VAL D 55 20.76 -21.61 -7.16
C VAL D 55 21.56 -22.60 -8.01
N HIS D 56 21.75 -22.26 -9.28
CA HIS D 56 22.47 -23.12 -10.20
C HIS D 56 23.78 -22.48 -10.63
N LEU D 57 24.89 -22.97 -10.10
CA LEU D 57 26.20 -22.52 -10.53
C LEU D 57 26.65 -23.34 -11.74
N ARG D 58 26.62 -22.71 -12.92
CA ARG D 58 26.96 -23.40 -14.15
C ARG D 58 28.47 -23.37 -14.39
N GLU D 59 28.98 -24.34 -15.15
CA GLU D 59 30.39 -24.38 -15.48
C GLU D 59 30.77 -23.18 -16.35
N ASP D 60 29.89 -22.82 -17.27
CA ASP D 60 30.14 -21.67 -18.14
C ASP D 60 29.91 -20.33 -17.42
N ARG D 61 29.44 -20.39 -16.17
CA ARG D 61 29.20 -19.20 -15.35
C ARG D 61 28.32 -18.17 -16.06
N ARG D 62 27.25 -18.64 -16.68
CA ARG D 62 26.39 -17.80 -17.49
C ARG D 62 25.76 -16.68 -16.66
N HIS D 63 25.26 -17.04 -15.48
CA HIS D 63 24.67 -16.07 -14.58
C HIS D 63 25.29 -16.07 -13.18
N ILE D 64 24.93 -17.06 -12.37
CA ILE D 64 25.43 -17.18 -11.00
C ILE D 64 26.94 -17.39 -10.96
N GLN D 65 27.61 -16.71 -10.04
CA GLN D 65 29.04 -16.88 -9.85
C GLN D 65 29.31 -17.56 -8.51
N GLU D 66 30.57 -17.91 -8.27
CA GLU D 66 30.96 -18.57 -7.03
C GLU D 66 30.70 -17.70 -5.81
N ARG D 67 30.91 -16.39 -5.95
CA ARG D 67 30.63 -15.43 -4.87
C ARG D 67 29.20 -15.58 -4.39
N ASP D 68 28.29 -15.70 -5.36
CA ASP D 68 26.85 -15.78 -5.08
C ASP D 68 26.53 -16.95 -4.17
N VAL D 69 27.07 -18.13 -4.50
CA VAL D 69 26.79 -19.32 -3.72
C VAL D 69 27.37 -19.18 -2.32
N ARG D 70 28.60 -18.66 -2.23
CA ARG D 70 29.27 -18.51 -0.95
C ARG D 70 28.60 -17.46 -0.06
N VAL D 71 28.16 -16.35 -0.66
CA VAL D 71 27.47 -15.31 0.09
C VAL D 71 26.11 -15.83 0.55
N LEU D 72 25.42 -16.54 -0.34
CA LEU D 72 24.11 -17.13 -0.01
C LEU D 72 24.19 -18.03 1.22
N LYS D 73 25.22 -18.86 1.29
CA LYS D 73 25.41 -19.76 2.43
C LYS D 73 25.44 -19.00 3.75
N GLU D 74 26.02 -17.81 3.73
CA GLU D 74 26.18 -17.00 4.92
C GLU D 74 24.92 -16.25 5.35
N VAL D 75 23.96 -16.08 4.44
CA VAL D 75 22.81 -15.22 4.71
C VAL D 75 21.46 -15.93 4.71
N LEU D 76 21.38 -17.11 4.10
CA LEU D 76 20.09 -17.80 3.98
C LEU D 76 19.46 -18.13 5.34
N GLN D 77 18.17 -17.83 5.46
CA GLN D 77 17.42 -18.11 6.69
C GLN D 77 16.71 -19.46 6.63
N THR D 78 16.58 -20.01 5.42
CA THR D 78 15.90 -21.28 5.23
C THR D 78 16.87 -22.38 4.87
N ARG D 79 17.03 -22.64 3.57
CA ARG D 79 17.92 -23.69 3.11
C ARG D 79 18.26 -23.50 1.64
N MET D 80 19.45 -23.96 1.24
CA MET D 80 19.90 -23.85 -0.13
C MET D 80 19.60 -25.12 -0.93
N ASN D 81 19.14 -24.93 -2.16
CA ASN D 81 19.04 -26.03 -3.12
C ASN D 81 20.04 -25.78 -4.23
N PHE D 82 21.19 -26.45 -4.16
CA PHE D 82 22.29 -26.19 -5.08
C PHE D 82 22.18 -27.04 -6.34
N GLU D 83 21.82 -26.42 -7.45
CA GLU D 83 21.74 -27.12 -8.73
C GLU D 83 23.12 -27.12 -9.39
N MET D 84 23.52 -28.27 -9.91
CA MET D 84 24.87 -28.41 -10.46
C MET D 84 24.98 -29.53 -11.50
N GLY D 85 25.94 -29.37 -12.40
CA GLY D 85 26.32 -30.45 -13.30
C GLY D 85 27.38 -31.31 -12.64
N VAL D 86 27.36 -32.61 -12.91
CA VAL D 86 28.26 -33.55 -12.26
C VAL D 86 29.68 -33.49 -12.83
N THR D 87 30.56 -32.77 -12.14
CA THR D 87 31.99 -32.78 -12.44
C THR D 87 32.76 -32.89 -11.13
N GLU D 88 34.03 -33.25 -11.20
CA GLU D 88 34.86 -33.37 -10.02
C GLU D 88 35.04 -32.03 -9.30
N GLU D 89 35.19 -30.97 -10.10
CA GLU D 89 35.39 -29.63 -9.56
C GLU D 89 34.15 -29.13 -8.83
N MET D 90 32.98 -29.42 -9.40
CA MET D 90 31.72 -28.94 -8.83
C MET D 90 31.33 -29.77 -7.60
N LEU D 91 31.64 -31.06 -7.63
CA LEU D 91 31.38 -31.93 -6.50
C LEU D 91 32.20 -31.50 -5.29
N ALA D 92 33.46 -31.17 -5.52
CA ALA D 92 34.36 -30.71 -4.46
C ALA D 92 33.85 -29.42 -3.85
N PHE D 93 33.35 -28.52 -4.72
CA PHE D 93 32.79 -27.26 -4.28
C PHE D 93 31.56 -27.49 -3.40
N ALA D 94 30.71 -28.41 -3.81
CA ALA D 94 29.50 -28.74 -3.05
C ALA D 94 29.82 -29.37 -1.71
N GLU D 95 30.90 -30.17 -1.68
CA GLU D 95 31.33 -30.82 -0.45
C GLU D 95 31.84 -29.81 0.59
N GLU D 96 32.35 -28.69 0.10
CA GLU D 96 32.73 -27.59 1.00
C GLU D 96 31.51 -26.79 1.44
N ILE D 97 30.66 -26.41 0.49
CA ILE D 97 29.52 -25.57 0.79
C ILE D 97 28.56 -26.31 1.70
N ARG D 98 28.45 -27.61 1.44
CA ARG D 98 27.53 -28.48 2.18
C ARG D 98 26.10 -27.97 2.13
N PRO D 99 25.51 -27.83 0.93
CA PRO D 99 24.14 -27.34 0.85
C PRO D 99 23.14 -28.34 1.42
N ALA D 100 22.05 -27.85 1.99
CA ALA D 100 21.04 -28.74 2.56
C ALA D 100 20.43 -29.62 1.48
N HIS D 101 20.14 -29.01 0.33
CA HIS D 101 19.62 -29.75 -0.82
C HIS D 101 20.52 -29.59 -2.04
N SER D 102 20.50 -30.59 -2.91
CA SER D 102 21.23 -30.51 -4.18
C SER D 102 20.38 -31.08 -5.31
N CYS D 103 20.64 -30.63 -6.52
CA CYS D 103 19.90 -31.13 -7.68
C CYS D 103 20.87 -31.31 -8.84
N LEU D 104 20.96 -32.52 -9.34
CA LEU D 104 21.88 -32.83 -10.43
C LEU D 104 21.21 -32.55 -11.77
N VAL D 105 21.80 -31.65 -12.54
CA VAL D 105 21.21 -31.22 -13.80
C VAL D 105 22.17 -31.49 -14.95
N PRO D 106 21.64 -31.60 -16.18
CA PRO D 106 22.49 -31.75 -17.37
C PRO D 106 23.01 -30.40 -17.86
N GLU D 107 24.29 -30.37 -18.25
CA GLU D 107 24.86 -29.16 -18.83
C GLU D 107 25.51 -29.44 -20.18
N ARG D 108 26.00 -30.66 -20.36
CA ARG D 108 26.66 -31.04 -21.61
C ARG D 108 25.79 -31.96 -22.46
N ARG D 109 26.11 -32.03 -23.76
CA ARG D 109 25.30 -32.76 -24.72
C ARG D 109 25.22 -34.26 -24.40
N GLU D 110 26.30 -34.81 -23.86
CA GLU D 110 26.40 -36.24 -23.62
C GLU D 110 25.46 -36.72 -22.50
N GLU D 111 25.12 -35.83 -21.58
CA GLU D 111 24.28 -36.19 -20.44
C GLU D 111 22.85 -35.66 -20.62
N LEU D 112 22.63 -34.95 -21.72
CA LEU D 112 21.30 -34.43 -22.05
C LEU D 112 20.46 -35.42 -22.84
N THR D 113 19.19 -35.56 -22.45
CA THR D 113 18.24 -36.27 -23.29
C THR D 113 17.67 -35.26 -24.26
N THR D 114 16.88 -35.73 -25.23
CA THR D 114 16.27 -34.84 -26.20
C THR D 114 15.26 -33.91 -25.53
N GLU D 115 14.55 -34.44 -24.54
CA GLU D 115 13.51 -33.68 -23.86
C GLU D 115 14.10 -32.61 -22.95
N GLY D 116 15.32 -32.83 -22.48
CA GLY D 116 16.03 -31.82 -21.70
C GLY D 116 16.44 -32.22 -20.30
N GLY D 117 15.92 -33.35 -19.82
CA GLY D 117 16.29 -33.85 -18.51
C GLY D 117 17.64 -34.54 -18.47
N LEU D 118 18.12 -34.83 -17.27
CA LEU D 118 19.38 -35.53 -17.11
C LEU D 118 19.22 -37.01 -17.49
N ASP D 119 20.12 -37.49 -18.33
CA ASP D 119 20.09 -38.90 -18.75
C ASP D 119 20.71 -39.76 -17.67
N VAL D 120 19.96 -40.01 -16.60
CA VAL D 120 20.45 -40.79 -15.46
C VAL D 120 20.66 -42.24 -15.85
N ALA D 121 19.73 -42.80 -16.61
CA ALA D 121 19.81 -44.19 -17.05
C ALA D 121 21.08 -44.42 -17.87
N GLY D 122 21.46 -43.40 -18.63
CA GLY D 122 22.67 -43.45 -19.44
C GLY D 122 23.94 -43.22 -18.66
N GLN D 123 23.81 -42.68 -17.46
CA GLN D 123 24.99 -42.32 -16.67
C GLN D 123 24.91 -42.80 -15.22
N GLU D 124 24.47 -44.03 -15.01
CA GLU D 124 24.19 -44.52 -13.65
C GLU D 124 25.40 -44.51 -12.71
N GLN D 125 26.55 -44.98 -13.19
CA GLN D 125 27.74 -45.07 -12.36
C GLN D 125 28.21 -43.70 -11.91
N ARG D 126 28.30 -42.79 -12.87
CA ARG D 126 28.73 -41.42 -12.61
C ARG D 126 27.80 -40.69 -11.65
N ILE D 127 26.50 -40.87 -11.83
CA ILE D 127 25.52 -40.21 -10.97
C ILE D 127 25.49 -40.83 -9.57
N ARG D 128 25.60 -42.15 -9.50
CA ARG D 128 25.58 -42.86 -8.22
C ARG D 128 26.67 -42.34 -7.28
N ASP D 129 27.86 -42.15 -7.83
CA ASP D 129 28.99 -41.66 -7.05
C ASP D 129 28.73 -40.26 -6.55
N ALA D 130 28.15 -39.41 -7.41
CA ALA D 130 27.83 -38.04 -7.05
C ALA D 130 26.80 -38.00 -5.92
N VAL D 131 25.77 -38.83 -6.04
CA VAL D 131 24.74 -38.92 -5.01
C VAL D 131 25.35 -39.37 -3.69
N ARG D 132 26.21 -40.38 -3.76
CA ARG D 132 26.86 -40.92 -2.57
C ARG D 132 27.73 -39.87 -1.87
N ARG D 133 28.45 -39.08 -2.67
CA ARG D 133 29.34 -38.06 -2.14
C ARG D 133 28.56 -36.91 -1.49
N LEU D 134 27.48 -36.48 -2.15
CA LEU D 134 26.70 -35.37 -1.63
C LEU D 134 25.92 -35.78 -0.38
N ALA D 135 25.41 -37.00 -0.37
CA ALA D 135 24.69 -37.52 0.79
C ALA D 135 25.62 -37.68 1.98
N ALA D 136 26.88 -38.03 1.70
CA ALA D 136 27.89 -38.21 2.73
C ALA D 136 28.23 -36.88 3.41
N VAL D 137 27.81 -35.80 2.78
CA VAL D 137 28.07 -34.45 3.28
C VAL D 137 26.82 -33.96 4.03
N GLY D 138 25.69 -34.60 3.76
CA GLY D 138 24.46 -34.32 4.47
C GLY D 138 23.40 -33.69 3.59
N SER D 139 23.68 -33.64 2.29
CA SER D 139 22.78 -33.02 1.34
C SER D 139 21.74 -34.01 0.81
N GLU D 140 20.49 -33.58 0.76
CA GLU D 140 19.43 -34.37 0.13
C GLU D 140 19.48 -34.16 -1.38
N VAL D 141 19.79 -35.21 -2.12
CA VAL D 141 20.04 -35.11 -3.54
C VAL D 141 18.78 -35.33 -4.38
N SER D 142 18.58 -34.44 -5.35
CA SER D 142 17.50 -34.56 -6.30
C SER D 142 18.05 -34.72 -7.71
N LEU D 143 17.33 -35.43 -8.57
CA LEU D 143 17.75 -35.60 -9.95
C LEU D 143 16.77 -34.95 -10.91
N PHE D 144 17.27 -34.02 -11.73
CA PHE D 144 16.44 -33.36 -12.72
C PHE D 144 16.24 -34.25 -13.93
N ILE D 145 15.08 -34.89 -14.01
CA ILE D 145 14.82 -35.88 -15.05
C ILE D 145 13.53 -35.61 -15.80
N ASP D 146 13.40 -36.26 -16.96
CA ASP D 146 12.16 -36.24 -17.73
C ASP D 146 11.10 -37.05 -16.99
N PRO D 147 9.82 -36.77 -17.25
CA PRO D 147 8.75 -37.62 -16.73
C PRO D 147 8.70 -38.95 -17.49
N ASP D 148 9.82 -39.66 -17.47
CA ASP D 148 10.00 -40.90 -18.21
C ASP D 148 10.29 -42.03 -17.24
N PRO D 149 9.44 -43.07 -17.22
CA PRO D 149 9.55 -44.24 -16.35
C PRO D 149 10.94 -44.89 -16.31
N ARG D 150 11.62 -44.91 -17.45
CA ARG D 150 12.96 -45.48 -17.50
C ARG D 150 13.95 -44.66 -16.68
N GLN D 151 13.80 -43.34 -16.73
CA GLN D 151 14.67 -42.44 -15.98
C GLN D 151 14.31 -42.38 -14.50
N ILE D 152 13.02 -42.50 -14.20
CA ILE D 152 12.56 -42.46 -12.81
C ILE D 152 13.10 -43.66 -12.04
N GLU D 153 13.03 -44.84 -12.64
CA GLU D 153 13.53 -46.06 -11.99
C GLU D 153 15.05 -46.08 -11.90
N ALA D 154 15.72 -45.50 -12.89
CA ALA D 154 17.17 -45.38 -12.83
C ALA D 154 17.56 -44.51 -11.63
N SER D 155 16.81 -43.44 -11.43
CA SER D 155 17.03 -42.53 -10.30
C SER D 155 16.88 -43.25 -8.96
N ALA D 156 15.92 -44.17 -8.89
CA ALA D 156 15.68 -44.95 -7.68
C ALA D 156 16.87 -45.88 -7.38
N ARG D 157 17.43 -46.47 -8.43
CA ARG D 157 18.55 -47.39 -8.29
C ARG D 157 19.83 -46.71 -7.76
N VAL D 158 20.10 -45.49 -8.20
CA VAL D 158 21.35 -44.83 -7.86
C VAL D 158 21.33 -44.26 -6.44
N GLY D 159 20.18 -44.38 -5.78
CA GLY D 159 20.07 -44.04 -4.37
C GLY D 159 19.73 -42.60 -4.06
N ALA D 160 19.27 -41.87 -5.08
CA ALA D 160 18.83 -40.50 -4.86
C ALA D 160 17.49 -40.51 -4.13
N PRO D 161 17.37 -39.70 -3.07
CA PRO D 161 16.12 -39.62 -2.31
C PRO D 161 14.99 -38.91 -3.06
N ALA D 162 15.34 -38.07 -4.03
CA ALA D 162 14.35 -37.21 -4.67
C ALA D 162 14.58 -37.04 -6.17
N ILE D 163 13.51 -36.68 -6.88
CA ILE D 163 13.60 -36.32 -8.29
C ILE D 163 12.82 -35.02 -8.54
N GLU D 164 13.27 -34.25 -9.53
CA GLU D 164 12.51 -33.10 -9.99
C GLU D 164 12.11 -33.32 -11.45
N LEU D 165 10.81 -33.39 -11.68
CA LEU D 165 10.29 -33.68 -13.01
C LEU D 165 10.37 -32.48 -13.95
N HIS D 166 10.85 -32.73 -15.17
CA HIS D 166 10.97 -31.70 -16.19
C HIS D 166 9.59 -31.33 -16.73
N THR D 167 9.07 -30.19 -16.29
CA THR D 167 7.73 -29.76 -16.69
C THR D 167 7.76 -28.84 -17.91
N GLY D 168 8.88 -28.83 -18.61
CA GLY D 168 9.04 -28.00 -19.80
C GLY D 168 8.08 -28.33 -20.93
N ARG D 169 7.91 -29.61 -21.20
CA ARG D 169 7.04 -30.09 -22.27
C ARG D 169 5.62 -29.58 -22.03
N TYR D 170 5.16 -29.74 -20.79
CA TYR D 170 3.85 -29.29 -20.35
C TYR D 170 3.70 -27.78 -20.51
N ALA D 171 4.73 -27.05 -20.12
CA ALA D 171 4.70 -25.59 -20.16
C ALA D 171 4.74 -25.06 -21.59
N ASP D 172 5.37 -25.82 -22.49
CA ASP D 172 5.57 -25.39 -23.87
C ASP D 172 4.44 -25.82 -24.80
N ALA D 173 3.43 -26.50 -24.24
CA ALA D 173 2.33 -27.06 -25.04
C ALA D 173 1.53 -25.97 -25.74
N GLU D 174 1.23 -26.18 -27.03
CA GLU D 174 0.54 -25.17 -27.82
C GLU D 174 -0.98 -25.33 -27.77
N ASP D 175 -1.46 -26.56 -27.90
CA ASP D 175 -2.89 -26.83 -27.85
C ASP D 175 -3.26 -27.47 -26.51
N PRO D 176 -4.47 -27.18 -26.00
CA PRO D 176 -4.96 -27.72 -24.73
C PRO D 176 -4.89 -29.25 -24.65
N GLU D 177 -5.14 -29.92 -25.78
CA GLU D 177 -5.08 -31.37 -25.84
C GLU D 177 -3.65 -31.87 -25.58
N GLU D 178 -2.68 -31.19 -26.18
CA GLU D 178 -1.28 -31.52 -25.96
C GLU D 178 -0.88 -31.29 -24.50
N GLN D 179 -1.40 -30.20 -23.93
CA GLN D 179 -1.09 -29.84 -22.54
C GLN D 179 -1.66 -30.87 -21.56
N ALA D 180 -2.84 -31.37 -21.87
CA ALA D 180 -3.48 -32.39 -21.05
C ALA D 180 -2.67 -33.67 -21.03
N ARG D 181 -2.12 -34.04 -22.19
CA ARG D 181 -1.31 -35.24 -22.31
C ARG D 181 -0.01 -35.12 -21.50
N GLU D 182 0.64 -33.97 -21.62
CA GLU D 182 1.92 -33.75 -20.94
C GLU D 182 1.72 -33.69 -19.43
N LEU D 183 0.58 -33.15 -19.01
CA LEU D 183 0.25 -33.09 -17.59
C LEU D 183 0.02 -34.49 -17.03
N GLN D 184 -0.53 -35.36 -17.88
CA GLN D 184 -0.79 -36.73 -17.49
C GLN D 184 0.53 -37.48 -17.30
N ARG D 185 1.53 -37.12 -18.10
CA ARG D 185 2.87 -37.69 -17.95
C ARG D 185 3.46 -37.29 -16.60
N VAL D 186 3.28 -36.03 -16.24
CA VAL D 186 3.79 -35.52 -14.97
C VAL D 186 3.07 -36.24 -13.83
N ARG D 187 1.75 -36.39 -13.97
CA ARG D 187 0.93 -37.05 -12.97
C ARG D 187 1.37 -38.49 -12.78
N GLU D 188 1.60 -39.19 -13.88
CA GLU D 188 2.06 -40.57 -13.84
C GLU D 188 3.49 -40.61 -13.31
N GLY D 189 4.26 -39.57 -13.63
CA GLY D 189 5.61 -39.44 -13.12
C GLY D 189 5.66 -39.35 -11.61
N VAL D 190 4.77 -38.55 -11.04
CA VAL D 190 4.70 -38.39 -9.59
C VAL D 190 4.31 -39.70 -8.92
N ALA D 191 3.28 -40.34 -9.46
CA ALA D 191 2.77 -41.60 -8.92
C ALA D 191 3.84 -42.68 -8.89
N LEU D 192 4.60 -42.81 -9.97
CA LEU D 192 5.64 -43.82 -10.07
C LEU D 192 6.75 -43.58 -9.07
N GLY D 193 7.16 -42.32 -8.95
CA GLY D 193 8.22 -41.94 -8.03
C GLY D 193 7.93 -42.26 -6.58
N ARG D 194 6.68 -42.05 -6.15
CA ARG D 194 6.30 -42.25 -4.76
C ARG D 194 6.06 -43.71 -4.44
N SER D 195 5.84 -44.53 -5.47
CA SER D 195 5.75 -45.97 -5.29
C SER D 195 7.15 -46.50 -5.03
N LEU D 196 8.16 -45.80 -5.55
CA LEU D 196 9.55 -46.17 -5.34
C LEU D 196 10.13 -45.46 -4.11
N GLY D 197 9.29 -44.75 -3.37
CA GLY D 197 9.71 -44.08 -2.16
C GLY D 197 10.48 -42.78 -2.38
N LEU D 198 10.37 -42.22 -3.57
CA LEU D 198 11.07 -40.99 -3.91
C LEU D 198 10.28 -39.74 -3.53
N ILE D 199 10.99 -38.67 -3.19
CA ILE D 199 10.39 -37.36 -3.06
C ILE D 199 10.31 -36.78 -4.47
N VAL D 200 9.13 -36.29 -4.86
CA VAL D 200 8.95 -35.84 -6.24
C VAL D 200 8.69 -34.34 -6.33
N ASN D 201 9.57 -33.65 -7.06
CA ASN D 201 9.46 -32.22 -7.28
C ASN D 201 9.19 -31.89 -8.74
N ALA D 202 8.96 -30.61 -9.02
CA ALA D 202 8.81 -30.10 -10.38
C ALA D 202 9.08 -28.59 -10.38
N GLY D 203 8.77 -27.93 -11.50
CA GLY D 203 8.81 -26.48 -11.51
C GLY D 203 9.32 -25.76 -12.74
N HIS D 204 10.15 -26.45 -13.54
CA HIS D 204 10.76 -25.82 -14.71
C HIS D 204 9.73 -25.36 -15.73
N GLY D 205 9.83 -24.09 -16.13
CA GLY D 205 8.95 -23.53 -17.15
C GLY D 205 7.57 -23.11 -16.65
N LEU D 206 7.25 -23.42 -15.41
CA LEU D 206 5.95 -23.08 -14.84
C LEU D 206 5.81 -21.58 -14.60
N HIS D 207 4.63 -21.05 -14.87
CA HIS D 207 4.35 -19.64 -14.62
C HIS D 207 2.99 -19.45 -13.95
N TYR D 208 2.58 -18.20 -13.80
CA TYR D 208 1.40 -17.86 -13.01
C TYR D 208 0.07 -18.28 -13.63
N HIS D 209 0.11 -18.78 -14.86
CA HIS D 209 -1.12 -19.18 -15.53
C HIS D 209 -1.16 -20.67 -15.88
N ASN D 210 -0.11 -21.41 -15.53
CA ASN D 210 -0.14 -22.86 -15.74
C ASN D 210 0.34 -23.66 -14.53
N VAL D 211 0.70 -22.98 -13.45
CA VAL D 211 1.27 -23.66 -12.29
C VAL D 211 0.24 -24.52 -11.56
N GLU D 212 -1.00 -24.04 -11.49
CA GLU D 212 -2.03 -24.67 -10.65
C GLU D 212 -2.36 -26.14 -10.97
N PRO D 213 -2.51 -26.49 -12.26
CA PRO D 213 -2.78 -27.92 -12.52
C PRO D 213 -1.66 -28.84 -12.04
N VAL D 214 -0.43 -28.33 -12.02
CA VAL D 214 0.71 -29.11 -11.54
C VAL D 214 0.70 -29.15 -10.02
N ALA D 215 0.41 -28.02 -9.40
CA ALA D 215 0.37 -27.92 -7.95
C ALA D 215 -0.77 -28.74 -7.35
N ALA D 216 -1.76 -29.03 -8.19
CA ALA D 216 -2.94 -29.80 -7.75
C ALA D 216 -2.66 -31.29 -7.69
N ILE D 217 -1.55 -31.72 -8.28
CA ILE D 217 -1.20 -33.14 -8.33
C ILE D 217 -0.90 -33.67 -6.94
N ASP D 218 -1.57 -34.76 -6.59
CA ASP D 218 -1.36 -35.41 -5.30
C ASP D 218 0.06 -35.98 -5.22
N GLY D 219 0.77 -35.65 -4.15
CA GLY D 219 2.10 -36.17 -3.94
C GLY D 219 3.25 -35.28 -4.38
N ILE D 220 2.94 -34.19 -5.06
CA ILE D 220 3.96 -33.21 -5.40
C ILE D 220 4.51 -32.61 -4.12
N ASN D 221 5.83 -32.64 -3.97
CA ASN D 221 6.48 -32.16 -2.75
C ASN D 221 6.79 -30.68 -2.82
N GLU D 222 7.66 -30.30 -3.75
CA GLU D 222 8.11 -28.92 -3.88
C GLU D 222 8.17 -28.49 -5.34
N LEU D 223 7.72 -27.27 -5.61
CA LEU D 223 7.91 -26.69 -6.93
C LEU D 223 9.08 -25.70 -6.91
N ASN D 224 10.07 -25.95 -7.76
CA ASN D 224 11.18 -25.02 -7.92
C ASN D 224 10.94 -24.17 -9.15
N ILE D 225 10.58 -22.91 -8.92
CA ILE D 225 10.22 -22.00 -10.00
C ILE D 225 11.18 -20.82 -9.96
N GLY D 226 11.68 -20.43 -11.12
CA GLY D 226 12.65 -19.35 -11.19
C GLY D 226 12.29 -18.22 -12.12
N HIS D 227 12.45 -18.46 -13.42
CA HIS D 227 12.33 -17.43 -14.45
C HIS D 227 11.01 -16.66 -14.37
N ALA D 228 9.90 -17.38 -14.24
CA ALA D 228 8.57 -16.76 -14.21
C ALA D 228 8.39 -15.81 -13.03
N ILE D 229 8.96 -16.16 -11.88
CA ILE D 229 8.88 -15.31 -10.70
C ILE D 229 9.68 -14.04 -10.94
N VAL D 230 10.88 -14.22 -11.50
CA VAL D 230 11.75 -13.09 -11.80
C VAL D 230 11.08 -12.17 -12.81
N ALA D 231 10.46 -12.76 -13.83
CA ALA D 231 9.73 -12.02 -14.85
C ALA D 231 8.59 -11.20 -14.25
N HIS D 232 7.80 -11.84 -13.39
CA HIS D 232 6.65 -11.19 -12.77
C HIS D 232 7.11 -10.13 -11.76
N ALA D 233 8.25 -10.39 -11.13
CA ALA D 233 8.81 -9.47 -10.14
C ALA D 233 9.15 -8.11 -10.75
N LEU D 234 9.44 -8.10 -12.05
CA LEU D 234 9.68 -6.87 -12.78
C LEU D 234 8.51 -5.89 -12.68
N PHE D 235 7.32 -6.44 -12.46
CA PHE D 235 6.10 -5.62 -12.46
C PHE D 235 5.56 -5.34 -11.05
N VAL D 236 5.65 -6.30 -10.15
CA VAL D 236 5.07 -6.13 -8.81
C VAL D 236 6.11 -6.18 -7.68
N GLY D 237 7.33 -6.57 -8.02
CA GLY D 237 8.38 -6.67 -7.01
C GLY D 237 8.57 -8.10 -6.54
N PHE D 238 9.79 -8.43 -6.12
CA PHE D 238 10.12 -9.81 -5.77
C PHE D 238 9.30 -10.34 -4.61
N ARG D 239 9.13 -9.53 -3.56
CA ARG D 239 8.36 -9.96 -2.40
C ARG D 239 6.92 -10.31 -2.76
N GLN D 240 6.29 -9.47 -3.58
CA GLN D 240 4.90 -9.73 -3.96
C GLN D 240 4.83 -10.86 -4.98
N ALA D 241 5.84 -10.95 -5.84
CA ALA D 241 5.87 -11.99 -6.86
C ALA D 241 5.98 -13.37 -6.20
N VAL D 242 6.83 -13.46 -5.19
CA VAL D 242 7.02 -14.70 -4.45
C VAL D 242 5.76 -15.08 -3.68
N ALA D 243 5.17 -14.11 -2.99
CA ALA D 243 3.97 -14.34 -2.20
C ALA D 243 2.79 -14.78 -3.06
N GLU D 244 2.61 -14.12 -4.20
CA GLU D 244 1.52 -14.45 -5.12
C GLU D 244 1.64 -15.87 -5.66
N MET D 245 2.85 -16.29 -6.01
CA MET D 245 3.08 -17.63 -6.54
C MET D 245 2.80 -18.70 -5.48
N LYS D 246 3.26 -18.46 -4.26
CA LYS D 246 3.05 -19.40 -3.16
C LYS D 246 1.56 -19.56 -2.87
N ALA D 247 0.84 -18.44 -2.90
CA ALA D 247 -0.59 -18.45 -2.61
C ALA D 247 -1.36 -19.25 -3.66
N LEU D 248 -0.93 -19.13 -4.91
CA LEU D 248 -1.53 -19.91 -6.00
C LEU D 248 -1.35 -21.40 -5.76
N MET D 249 -0.13 -21.79 -5.41
CA MET D 249 0.21 -23.18 -5.17
C MET D 249 -0.55 -23.78 -3.99
N LEU D 250 -0.60 -23.04 -2.89
CA LEU D 250 -1.29 -23.51 -1.68
C LEU D 250 -2.78 -23.70 -1.90
N ALA D 251 -3.40 -22.77 -2.61
CA ALA D 251 -4.82 -22.84 -2.88
C ALA D 251 -5.14 -23.98 -3.84
N ALA D 252 -4.21 -24.27 -4.74
CA ALA D 252 -4.40 -25.32 -5.74
C ALA D 252 -4.18 -26.70 -5.15
N ALA D 253 -3.27 -26.79 -4.18
CA ALA D 253 -2.93 -28.07 -3.57
C ALA D 253 -3.95 -28.50 -2.51
N THR D 254 -4.78 -27.56 -2.07
CA THR D 254 -5.79 -27.84 -1.06
C THR D 254 -7.07 -28.40 -1.69
#